data_5V0I
#
_entry.id   5V0I
#
_cell.length_a   46.745
_cell.length_b   110.807
_cell.length_c   128.599
_cell.angle_alpha   90.00
_cell.angle_beta   90.00
_cell.angle_gamma   90.00
#
_symmetry.space_group_name_H-M   'P 21 21 21'
#
loop_
_entity.id
_entity.type
_entity.pdbx_description
1 polymer 'Tryptophan--tRNA ligase'
2 non-polymer 'ADENOSINE MONOPHOSPHATE'
3 non-polymer TRYPTOPHAN
4 non-polymer 'FORMIC ACID'
5 water water
#
_entity_poly.entity_id   1
_entity_poly.type   'polypeptide(L)'
_entity_poly.pdbx_seq_one_letter_code
;SNAMTKPIVFSGAQPSGELTIGNYMGALRQWVNMQDDYHCIYCIVDQHAITVRQDAQKLRKATLDTLALYLACGIDPEKS
TIFVQSHVPEHAQLGWALNCYTYFGELSRMTQFKDKSARYAENINAGLFDYPVLMAADILLYQTNLVPVGEDQKQHLELS
RDIAQRFNALYGDIFKVPEPFIPKSGARVMSLLEPTKKMSKSDDNRNNVIGLLEDPKSVVKKIKRAVTDSDEPPVVRYDV
QNKAGVSNLLDILSAVTGQSIPELEKQFEGKMYGHLKGEVADAVSGMLTELQERYHRFRNDEAFLQQVMKDGAEKASAHA
SRTLKAVYEAIGFVAKP
;
_entity_poly.pdbx_strand_id   A,B
#
loop_
_chem_comp.id
_chem_comp.type
_chem_comp.name
_chem_comp.formula
AMP non-polymer 'ADENOSINE MONOPHOSPHATE' 'C10 H14 N5 O7 P'
FMT non-polymer 'FORMIC ACID' 'C H2 O2'
#
# COMPACT_ATOMS: atom_id res chain seq x y z
N LYS A 6 16.08 -13.68 -22.65
CA LYS A 6 14.62 -13.81 -22.77
C LYS A 6 13.92 -12.65 -22.08
N PRO A 7 13.09 -11.91 -22.84
CA PRO A 7 12.37 -10.79 -22.23
C PRO A 7 11.40 -11.26 -21.16
N ILE A 8 11.30 -10.48 -20.08
CA ILE A 8 10.36 -10.75 -19.01
C ILE A 8 9.04 -10.07 -19.36
N VAL A 9 7.95 -10.82 -19.26
CA VAL A 9 6.61 -10.40 -19.66
C VAL A 9 5.71 -10.53 -18.45
N PHE A 10 4.97 -9.47 -18.12
CA PHE A 10 4.06 -9.47 -16.97
C PHE A 10 2.63 -9.22 -17.40
N SER A 11 1.71 -10.11 -16.99
CA SER A 11 0.28 -9.97 -17.23
C SER A 11 -0.49 -10.14 -15.93
N GLY A 12 -1.38 -9.21 -15.63
CA GLY A 12 -2.27 -9.33 -14.49
C GLY A 12 -3.60 -9.88 -14.96
N ALA A 13 -4.11 -10.85 -14.22
CA ALA A 13 -5.34 -11.56 -14.57
C ALA A 13 -6.38 -11.28 -13.50
N GLN A 14 -7.47 -10.60 -13.88
CA GLN A 14 -8.53 -10.27 -12.92
C GLN A 14 -9.26 -11.55 -12.50
N PRO A 15 -9.36 -11.84 -11.20
CA PRO A 15 -10.11 -13.05 -10.77
C PRO A 15 -11.60 -12.87 -10.93
N SER A 16 -12.08 -12.93 -12.17
CA SER A 16 -13.51 -12.89 -12.45
C SER A 16 -13.95 -14.11 -13.26
N LEU A 19 -13.37 -14.79 -19.16
CA LEU A 19 -12.57 -14.74 -20.40
C LEU A 19 -13.31 -15.30 -21.60
N THR A 20 -13.19 -14.62 -22.75
CA THR A 20 -13.96 -15.00 -23.94
C THR A 20 -13.06 -15.70 -24.95
N ILE A 21 -13.70 -16.28 -25.97
CA ILE A 21 -12.94 -16.84 -27.08
C ILE A 21 -12.11 -15.77 -27.76
N GLY A 22 -12.50 -14.50 -27.62
CA GLY A 22 -11.67 -13.40 -28.13
C GLY A 22 -10.35 -13.27 -27.38
N ASN A 23 -10.41 -13.23 -26.05
CA ASN A 23 -9.20 -13.22 -25.22
C ASN A 23 -8.28 -14.37 -25.60
N TYR A 24 -8.87 -15.55 -25.72
CA TYR A 24 -8.09 -16.78 -25.92
C TYR A 24 -7.47 -16.81 -27.31
N MET A 25 -8.29 -16.83 -28.35
CA MET A 25 -7.76 -16.98 -29.70
C MET A 25 -6.98 -15.75 -30.16
N GLY A 26 -7.25 -14.58 -29.58
CA GLY A 26 -6.54 -13.40 -29.99
C GLY A 26 -5.21 -13.20 -29.29
N ALA A 27 -5.03 -13.80 -28.12
CA ALA A 27 -3.80 -13.52 -27.37
C ALA A 27 -3.31 -14.71 -26.57
N LEU A 28 -4.12 -15.18 -25.61
CA LEU A 28 -3.65 -16.17 -24.65
C LEU A 28 -3.20 -17.45 -25.33
N ARG A 29 -3.95 -17.91 -26.33
CA ARG A 29 -3.60 -19.15 -27.02
C ARG A 29 -2.17 -19.10 -27.57
N GLN A 30 -1.74 -17.93 -28.07
CA GLN A 30 -0.40 -17.84 -28.64
C GLN A 30 0.64 -17.66 -27.54
N TRP A 31 0.30 -16.91 -26.49
CA TRP A 31 1.22 -16.79 -25.37
C TRP A 31 1.52 -18.15 -24.75
N VAL A 32 0.56 -19.05 -24.75
CA VAL A 32 0.80 -20.41 -24.25
C VAL A 32 1.96 -21.06 -25.01
N ASN A 33 2.11 -20.76 -26.29
CA ASN A 33 3.18 -21.35 -27.08
C ASN A 33 4.46 -20.52 -27.08
N MET A 34 4.50 -19.45 -26.30
CA MET A 34 5.64 -18.55 -26.25
C MET A 34 6.39 -18.62 -24.92
N GLN A 35 6.17 -19.68 -24.14
CA GLN A 35 6.69 -19.73 -22.77
C GLN A 35 8.16 -20.10 -22.68
N ASP A 36 8.76 -20.59 -23.77
CA ASP A 36 10.19 -20.89 -23.80
C ASP A 36 11.02 -19.74 -24.35
N ASP A 37 10.45 -18.93 -25.24
CA ASP A 37 11.12 -17.77 -25.79
C ASP A 37 11.08 -16.56 -24.85
N TYR A 38 10.15 -16.57 -23.89
CA TYR A 38 9.95 -15.46 -22.98
C TYR A 38 9.87 -15.99 -21.55
N HIS A 39 10.16 -15.11 -20.60
N HIS A 39 10.22 -15.12 -20.59
CA HIS A 39 9.99 -15.38 -19.18
CA HIS A 39 9.98 -15.39 -19.17
C HIS A 39 8.65 -14.77 -18.77
C HIS A 39 8.64 -14.76 -18.82
N CYS A 40 7.57 -15.54 -18.94
CA CYS A 40 6.22 -15.03 -18.71
C CYS A 40 5.80 -15.13 -17.26
N ILE A 41 5.10 -14.09 -16.79
CA ILE A 41 4.60 -14.00 -15.43
C ILE A 41 3.09 -13.70 -15.50
N TYR A 42 2.30 -14.48 -14.77
CA TYR A 42 0.86 -14.30 -14.71
C TYR A 42 0.47 -14.10 -13.25
N CYS A 43 -0.11 -12.94 -12.96
CA CYS A 43 -0.43 -12.54 -11.59
C CYS A 43 -1.94 -12.40 -11.46
N ILE A 44 -2.55 -13.24 -10.64
CA ILE A 44 -3.99 -13.15 -10.43
C ILE A 44 -4.22 -12.05 -9.40
N VAL A 45 -4.81 -10.93 -9.85
CA VAL A 45 -4.72 -9.70 -9.10
C VAL A 45 -5.91 -9.57 -8.15
N ASP A 46 -5.93 -10.40 -7.12
CA ASP A 46 -7.03 -10.28 -6.17
C ASP A 46 -6.96 -8.97 -5.38
N GLN A 47 -5.78 -8.33 -5.25
CA GLN A 47 -5.75 -7.05 -4.54
C GLN A 47 -6.34 -5.93 -5.38
N HIS A 48 -6.29 -6.05 -6.72
CA HIS A 48 -7.05 -5.10 -7.54
C HIS A 48 -8.55 -5.37 -7.52
N ALA A 49 -8.95 -6.64 -7.43
CA ALA A 49 -10.38 -6.97 -7.47
C ALA A 49 -11.15 -6.28 -6.36
N ILE A 50 -10.55 -6.12 -5.18
CA ILE A 50 -11.32 -5.62 -4.04
C ILE A 50 -11.60 -4.12 -4.10
N THR A 51 -11.14 -3.42 -5.15
CA THR A 51 -11.62 -2.05 -5.34
C THR A 51 -13.12 -2.00 -5.65
N VAL A 52 -13.75 -3.15 -5.91
CA VAL A 52 -15.18 -3.27 -6.15
C VAL A 52 -15.71 -4.38 -5.23
N ARG A 53 -16.75 -4.07 -4.47
N ARG A 53 -16.74 -4.09 -4.45
CA ARG A 53 -17.23 -5.00 -3.45
CA ARG A 53 -17.25 -5.03 -3.49
C ARG A 53 -17.91 -6.22 -4.08
C ARG A 53 -17.84 -6.26 -4.16
N GLN A 54 -17.64 -7.39 -3.52
CA GLN A 54 -18.35 -8.61 -3.87
C GLN A 54 -18.32 -9.51 -2.65
N ASP A 55 -19.16 -10.53 -2.68
CA ASP A 55 -19.19 -11.46 -1.56
C ASP A 55 -17.83 -12.12 -1.45
N ALA A 56 -17.35 -12.23 -0.21
CA ALA A 56 -15.96 -12.66 -0.02
C ALA A 56 -15.73 -14.08 -0.54
N GLN A 57 -16.69 -14.98 -0.33
CA GLN A 57 -16.51 -16.34 -0.85
C GLN A 57 -16.53 -16.38 -2.37
N LYS A 58 -17.27 -15.46 -3.00
CA LYS A 58 -17.24 -15.41 -4.46
C LYS A 58 -15.85 -15.05 -4.97
N LEU A 59 -15.18 -14.10 -4.32
CA LEU A 59 -13.83 -13.72 -4.76
C LEU A 59 -12.87 -14.89 -4.59
N ARG A 60 -12.99 -15.63 -3.49
CA ARG A 60 -12.07 -16.73 -3.25
C ARG A 60 -12.25 -17.80 -4.32
N LYS A 61 -13.52 -18.20 -4.55
CA LYS A 61 -13.82 -19.14 -5.62
C LYS A 61 -13.32 -18.65 -6.98
N ALA A 62 -13.54 -17.37 -7.29
CA ALA A 62 -13.15 -16.87 -8.61
C ALA A 62 -11.63 -16.85 -8.77
N THR A 63 -10.90 -16.63 -7.68
CA THR A 63 -9.44 -16.70 -7.76
C THR A 63 -9.00 -18.10 -8.19
N LEU A 64 -9.55 -19.14 -7.56
CA LEU A 64 -9.22 -20.51 -7.94
C LEU A 64 -9.70 -20.84 -9.35
N ASP A 65 -10.91 -20.36 -9.72
CA ASP A 65 -11.40 -20.54 -11.09
C ASP A 65 -10.39 -20.01 -12.09
N THR A 66 -9.92 -18.79 -11.85
CA THR A 66 -9.03 -18.13 -12.79
C THR A 66 -7.72 -18.89 -12.90
N LEU A 67 -7.17 -19.34 -11.77
CA LEU A 67 -5.94 -20.13 -11.80
C LEU A 67 -6.14 -21.40 -12.61
N ALA A 68 -7.25 -22.12 -12.38
CA ALA A 68 -7.47 -23.37 -13.10
C ALA A 68 -7.68 -23.12 -14.59
N LEU A 69 -8.36 -22.03 -14.95
CA LEU A 69 -8.56 -21.70 -16.36
C LEU A 69 -7.23 -21.45 -17.07
N TYR A 70 -6.34 -20.67 -16.44
CA TYR A 70 -5.05 -20.38 -17.08
C TYR A 70 -4.24 -21.65 -17.27
N LEU A 71 -4.18 -22.50 -16.24
CA LEU A 71 -3.56 -23.82 -16.39
C LEU A 71 -4.23 -24.63 -17.48
N ALA A 72 -5.57 -24.63 -17.52
CA ALA A 72 -6.27 -25.40 -18.56
C ALA A 72 -5.94 -24.87 -19.95
N CYS A 73 -5.77 -23.54 -20.07
CA CYS A 73 -5.35 -22.99 -21.36
C CYS A 73 -3.93 -23.40 -21.73
N GLY A 74 -3.11 -23.78 -20.76
CA GLY A 74 -1.80 -24.29 -21.07
C GLY A 74 -0.65 -23.50 -20.48
N ILE A 75 -0.94 -22.50 -19.64
CA ILE A 75 0.16 -21.88 -18.90
C ILE A 75 0.78 -22.93 -17.99
N ASP A 76 2.10 -23.10 -18.12
CA ASP A 76 2.83 -24.17 -17.46
C ASP A 76 3.58 -23.58 -16.28
N PRO A 77 3.27 -23.99 -15.04
CA PRO A 77 3.87 -23.35 -13.85
C PRO A 77 5.36 -23.55 -13.70
N GLU A 78 5.96 -24.46 -14.45
CA GLU A 78 7.41 -24.58 -14.40
C GLU A 78 8.08 -23.63 -15.38
N LYS A 79 7.55 -23.56 -16.61
CA LYS A 79 8.09 -22.65 -17.62
C LYS A 79 7.83 -21.19 -17.25
N SER A 80 6.62 -20.88 -16.78
CA SER A 80 6.22 -19.52 -16.44
C SER A 80 6.02 -19.39 -14.94
N THR A 81 5.86 -18.15 -14.49
CA THR A 81 5.54 -17.86 -13.09
C THR A 81 4.07 -17.46 -13.01
N ILE A 82 3.26 -18.25 -12.30
CA ILE A 82 1.85 -17.89 -12.14
C ILE A 82 1.56 -17.93 -10.65
N PHE A 83 0.84 -16.93 -10.14
CA PHE A 83 0.66 -16.82 -8.70
C PHE A 83 -0.49 -15.86 -8.42
N VAL A 84 -0.91 -15.84 -7.15
CA VAL A 84 -1.96 -14.96 -6.66
C VAL A 84 -1.30 -13.74 -6.00
N GLN A 85 -1.66 -12.55 -6.48
CA GLN A 85 -1.05 -11.29 -6.05
C GLN A 85 -0.93 -11.17 -4.53
N SER A 86 -2.02 -11.42 -3.79
CA SER A 86 -1.97 -11.21 -2.34
C SER A 86 -1.01 -12.16 -1.62
N HIS A 87 -0.59 -13.25 -2.26
CA HIS A 87 0.37 -14.16 -1.65
C HIS A 87 1.79 -13.64 -1.68
N VAL A 88 2.05 -12.54 -2.37
CA VAL A 88 3.40 -11.98 -2.49
C VAL A 88 3.37 -10.59 -1.86
N PRO A 89 3.78 -10.48 -0.59
CA PRO A 89 3.67 -9.19 0.12
C PRO A 89 4.37 -8.03 -0.57
N GLU A 90 5.40 -8.31 -1.38
CA GLU A 90 6.15 -7.25 -2.04
C GLU A 90 5.27 -6.37 -2.90
N HIS A 91 4.17 -6.91 -3.44
CA HIS A 91 3.29 -6.07 -4.26
C HIS A 91 2.76 -4.90 -3.45
N ALA A 92 2.17 -5.17 -2.27
CA ALA A 92 1.70 -4.03 -1.46
C ALA A 92 2.86 -3.18 -0.93
N GLN A 93 4.01 -3.78 -0.61
CA GLN A 93 5.12 -2.99 -0.09
C GLN A 93 5.60 -1.99 -1.12
N LEU A 94 5.86 -2.44 -2.32
CA LEU A 94 6.31 -1.55 -3.37
C LEU A 94 5.24 -0.54 -3.71
N GLY A 95 3.99 -0.99 -3.65
CA GLY A 95 2.88 -0.14 -3.99
C GLY A 95 2.86 1.05 -3.06
N TRP A 96 3.07 0.86 -1.77
CA TRP A 96 3.08 2.01 -0.88
C TRP A 96 4.26 2.95 -1.22
N ALA A 97 5.43 2.39 -1.40
CA ALA A 97 6.58 3.19 -1.62
C ALA A 97 6.40 4.02 -2.86
N LEU A 98 5.88 3.42 -3.90
CA LEU A 98 5.68 4.16 -5.15
C LEU A 98 4.59 5.24 -5.09
N ASN A 99 3.63 5.16 -4.15
CA ASN A 99 2.76 6.30 -3.88
C ASN A 99 3.56 7.58 -3.66
N CYS A 100 4.71 7.45 -3.02
CA CYS A 100 5.50 8.64 -2.70
C CYS A 100 6.22 9.20 -3.92
N TYR A 101 6.22 8.47 -5.05
CA TYR A 101 6.84 8.95 -6.28
C TYR A 101 5.83 9.09 -7.42
N THR A 102 4.56 9.24 -7.05
CA THR A 102 3.45 9.45 -7.96
C THR A 102 2.83 10.80 -7.64
N TYR A 103 2.57 11.63 -8.64
CA TYR A 103 1.88 12.89 -8.39
C TYR A 103 0.39 12.63 -8.20
N PHE A 104 -0.22 13.33 -7.25
CA PHE A 104 -1.68 13.30 -7.13
C PHE A 104 -2.34 13.60 -8.47
N GLY A 105 -1.79 14.56 -9.22
CA GLY A 105 -2.41 14.96 -10.48
C GLY A 105 -2.41 13.87 -11.52
N GLU A 106 -1.42 12.97 -11.48
CA GLU A 106 -1.41 11.85 -12.42
C GLU A 106 -2.58 10.91 -12.16
N LEU A 107 -2.88 10.65 -10.89
CA LEU A 107 -3.98 9.76 -10.56
C LEU A 107 -5.33 10.43 -10.78
N SER A 108 -5.44 11.72 -10.48
CA SER A 108 -6.73 12.38 -10.65
C SER A 108 -7.11 12.49 -12.14
N ARG A 109 -6.13 12.67 -13.02
CA ARG A 109 -6.42 12.78 -14.44
C ARG A 109 -6.73 11.44 -15.10
N MET A 110 -6.64 10.30 -14.40
CA MET A 110 -7.13 9.08 -15.01
C MET A 110 -8.36 8.53 -14.28
N THR A 111 -9.36 9.37 -14.08
CA THR A 111 -10.57 9.03 -13.31
C THR A 111 -10.23 8.67 -11.86
N ALA A 121 -17.49 11.31 -6.83
CA ALA A 121 -16.06 11.12 -6.63
C ALA A 121 -15.69 11.04 -5.16
N GLU A 122 -16.50 11.64 -4.30
CA GLU A 122 -16.25 11.61 -2.88
C GLU A 122 -16.67 10.26 -2.34
N ASN A 123 -17.52 9.56 -3.08
CA ASN A 123 -18.04 8.27 -2.61
C ASN A 123 -17.32 7.06 -3.20
N ILE A 124 -16.40 7.24 -4.13
CA ILE A 124 -15.57 6.13 -4.55
C ILE A 124 -14.57 5.80 -3.45
N ASN A 125 -14.08 4.57 -3.45
CA ASN A 125 -13.10 4.25 -2.42
C ASN A 125 -11.68 4.62 -2.89
N ALA A 126 -10.78 4.76 -1.92
CA ALA A 126 -9.44 5.22 -2.26
C ALA A 126 -8.66 4.18 -3.04
N GLY A 127 -9.09 2.91 -3.01
CA GLY A 127 -8.44 1.91 -3.85
C GLY A 127 -8.71 2.15 -5.32
N LEU A 128 -9.93 2.58 -5.64
CA LEU A 128 -10.27 2.97 -7.01
C LEU A 128 -9.36 4.09 -7.50
N PHE A 129 -9.00 5.01 -6.62
CA PHE A 129 -8.15 6.13 -6.99
C PHE A 129 -6.69 5.71 -7.11
N ASP A 130 -6.24 4.81 -6.21
CA ASP A 130 -4.82 4.56 -6.02
C ASP A 130 -4.34 3.32 -6.74
N TYR A 131 -5.24 2.49 -7.28
CA TYR A 131 -4.79 1.22 -7.83
C TYR A 131 -3.84 1.33 -9.04
N PRO A 132 -3.79 2.44 -9.80
CA PRO A 132 -2.71 2.53 -10.82
C PRO A 132 -1.31 2.47 -10.24
N VAL A 133 -1.11 2.94 -9.00
CA VAL A 133 0.22 2.84 -8.38
C VAL A 133 0.54 1.39 -8.05
N LEU A 134 -0.45 0.64 -7.53
CA LEU A 134 -0.24 -0.77 -7.28
C LEU A 134 0.07 -1.53 -8.58
N MET A 135 -0.62 -1.18 -9.67
N MET A 135 -0.63 -1.19 -9.66
CA MET A 135 -0.31 -1.79 -10.97
CA MET A 135 -0.33 -1.76 -10.98
C MET A 135 1.12 -1.49 -11.39
C MET A 135 1.11 -1.48 -11.40
N ALA A 136 1.58 -0.25 -11.20
CA ALA A 136 2.97 0.08 -11.47
C ALA A 136 3.90 -0.83 -10.66
N ALA A 137 3.58 -1.01 -9.37
CA ALA A 137 4.41 -1.87 -8.53
C ALA A 137 4.38 -3.33 -9.00
N ASP A 138 3.20 -3.80 -9.44
CA ASP A 138 3.08 -5.17 -9.97
C ASP A 138 4.09 -5.40 -11.07
N ILE A 139 4.15 -4.45 -12.00
CA ILE A 139 5.05 -4.54 -13.15
C ILE A 139 6.50 -4.36 -12.73
N LEU A 140 6.79 -3.30 -11.97
CA LEU A 140 8.19 -2.94 -11.77
C LEU A 140 8.90 -3.94 -10.87
N LEU A 141 8.17 -4.70 -10.04
CA LEU A 141 8.82 -5.64 -9.15
C LEU A 141 9.65 -6.67 -9.89
N TYR A 142 9.26 -7.03 -11.11
CA TYR A 142 9.86 -8.18 -11.78
C TYR A 142 10.85 -7.77 -12.86
N GLN A 143 11.33 -6.51 -12.85
CA GLN A 143 12.25 -6.03 -13.91
C GLN A 143 11.65 -6.31 -15.28
N THR A 144 10.33 -6.13 -15.37
CA THR A 144 9.57 -6.49 -16.55
C THR A 144 9.99 -5.69 -17.78
N ASN A 145 10.13 -6.37 -18.91
CA ASN A 145 10.41 -5.70 -20.17
C ASN A 145 9.18 -5.42 -21.01
N LEU A 146 8.16 -6.26 -20.91
CA LEU A 146 7.01 -6.24 -21.83
C LEU A 146 5.75 -6.45 -21.03
N VAL A 147 4.74 -5.62 -21.29
CA VAL A 147 3.41 -5.79 -20.72
C VAL A 147 2.38 -5.84 -21.84
N PRO A 148 1.71 -6.98 -22.04
CA PRO A 148 0.55 -7.02 -22.96
C PRO A 148 -0.64 -6.39 -22.28
N VAL A 149 -1.16 -5.31 -22.87
CA VAL A 149 -2.28 -4.59 -22.29
C VAL A 149 -3.40 -4.46 -23.30
N GLY A 150 -4.64 -4.48 -22.80
CA GLY A 150 -5.74 -3.93 -23.56
C GLY A 150 -5.58 -2.42 -23.72
N GLU A 151 -6.31 -1.86 -24.68
CA GLU A 151 -6.17 -0.44 -24.98
C GLU A 151 -6.55 0.43 -23.79
N ASP A 152 -7.51 -0.04 -22.98
CA ASP A 152 -7.96 0.64 -21.76
C ASP A 152 -6.93 0.66 -20.65
N GLN A 153 -5.81 -0.06 -20.80
CA GLN A 153 -4.74 -0.02 -19.82
C GLN A 153 -3.57 0.85 -20.28
N LYS A 154 -3.70 1.52 -21.43
CA LYS A 154 -2.58 2.25 -22.01
C LYS A 154 -2.03 3.31 -21.05
N GLN A 155 -2.91 4.09 -20.43
CA GLN A 155 -2.43 5.16 -19.55
C GLN A 155 -1.90 4.61 -18.24
N HIS A 156 -2.37 3.44 -17.81
CA HIS A 156 -1.78 2.80 -16.64
C HIS A 156 -0.35 2.37 -16.93
N LEU A 157 -0.11 1.78 -18.09
CA LEU A 157 1.26 1.38 -18.43
C LEU A 157 2.17 2.60 -18.51
N GLU A 158 1.67 3.71 -19.07
CA GLU A 158 2.45 4.92 -19.22
C GLU A 158 2.82 5.52 -17.86
N LEU A 159 1.90 5.48 -16.90
CA LEU A 159 2.24 5.89 -15.54
C LEU A 159 3.37 5.05 -14.97
N SER A 160 3.33 3.73 -15.17
N SER A 160 3.32 3.73 -15.16
CA SER A 160 4.38 2.86 -14.67
CA SER A 160 4.40 2.89 -14.64
C SER A 160 5.73 3.22 -15.28
C SER A 160 5.74 3.23 -15.28
N ARG A 161 5.73 3.60 -16.56
CA ARG A 161 6.97 4.02 -17.20
C ARG A 161 7.48 5.32 -16.59
N ASP A 162 6.58 6.27 -16.34
CA ASP A 162 6.98 7.55 -15.78
C ASP A 162 7.51 7.39 -14.36
N ILE A 163 6.85 6.55 -13.56
CA ILE A 163 7.32 6.31 -12.20
C ILE A 163 8.72 5.70 -12.22
N ALA A 164 8.92 4.71 -13.09
CA ALA A 164 10.22 4.05 -13.18
C ALA A 164 11.31 5.04 -13.57
N GLN A 165 11.05 5.86 -14.60
CA GLN A 165 12.04 6.85 -15.04
C GLN A 165 12.30 7.90 -13.95
N ARG A 166 11.26 8.32 -13.26
CA ARG A 166 11.40 9.31 -12.20
C ARG A 166 12.23 8.76 -11.03
N PHE A 167 11.91 7.54 -10.61
CA PHE A 167 12.67 6.92 -9.53
C PHE A 167 14.12 6.69 -9.95
N ASN A 168 14.33 6.25 -11.20
CA ASN A 168 15.68 6.01 -11.68
C ASN A 168 16.49 7.30 -11.70
N ALA A 169 15.85 8.41 -12.06
CA ALA A 169 16.57 9.68 -12.14
C ALA A 169 17.05 10.15 -10.77
N LEU A 170 16.30 9.81 -9.73
CA LEU A 170 16.61 10.18 -8.35
C LEU A 170 17.72 9.32 -7.75
N TYR A 171 17.68 8.01 -8.01
CA TYR A 171 18.47 7.08 -7.24
C TYR A 171 19.42 6.22 -8.07
N GLY A 172 19.38 6.33 -9.38
CA GLY A 172 20.12 5.44 -10.24
C GLY A 172 19.20 4.35 -10.77
N ASP A 173 19.72 3.59 -11.73
CA ASP A 173 18.86 2.63 -12.41
C ASP A 173 18.52 1.50 -11.45
N ILE A 174 17.28 1.51 -10.97
CA ILE A 174 16.74 0.46 -10.13
C ILE A 174 15.70 -0.37 -10.88
N PHE A 175 14.92 0.29 -11.74
CA PHE A 175 13.79 -0.33 -12.42
C PHE A 175 14.08 -0.48 -13.90
N LYS A 176 13.54 -1.53 -14.51
CA LYS A 176 13.46 -1.53 -15.97
C LYS A 176 12.25 -0.71 -16.38
N VAL A 177 12.39 0.04 -17.47
CA VAL A 177 11.28 0.81 -18.01
C VAL A 177 10.52 -0.14 -18.94
N PRO A 178 9.32 -0.57 -18.58
CA PRO A 178 8.61 -1.56 -19.40
C PRO A 178 8.04 -0.95 -20.66
N GLU A 179 7.82 -1.81 -21.65
CA GLU A 179 7.25 -1.40 -22.93
C GLU A 179 5.96 -2.17 -23.17
N PRO A 180 5.03 -1.61 -23.94
CA PRO A 180 3.88 -2.40 -24.36
C PRO A 180 4.34 -3.51 -25.29
N PHE A 181 3.66 -4.64 -25.20
CA PHE A 181 3.76 -5.71 -26.17
C PHE A 181 2.63 -5.55 -27.17
N ILE A 182 2.95 -5.39 -28.46
CA ILE A 182 1.94 -5.28 -29.49
C ILE A 182 1.66 -6.69 -30.04
N PRO A 183 0.41 -7.15 -29.98
CA PRO A 183 0.17 -8.62 -29.95
C PRO A 183 0.67 -9.43 -31.12
N LYS A 184 0.49 -8.97 -32.36
CA LYS A 184 0.55 -9.84 -33.54
C LYS A 184 -0.46 -10.99 -33.36
N SER A 185 -1.71 -10.58 -33.19
CA SER A 185 -2.72 -11.43 -32.57
C SER A 185 -3.17 -12.54 -33.50
N GLY A 186 -3.63 -13.65 -32.90
CA GLY A 186 -4.07 -14.78 -33.68
C GLY A 186 -5.38 -14.55 -34.40
N ALA A 187 -6.20 -13.63 -33.91
CA ALA A 187 -7.54 -13.46 -34.46
C ALA A 187 -8.16 -12.16 -33.97
N ARG A 188 -9.12 -11.65 -34.74
CA ARG A 188 -9.97 -10.54 -34.31
C ARG A 188 -11.40 -11.05 -34.27
N VAL A 189 -11.99 -11.04 -33.08
CA VAL A 189 -13.30 -11.65 -32.84
C VAL A 189 -14.27 -10.54 -32.43
N MET A 190 -15.34 -10.38 -33.19
CA MET A 190 -16.32 -9.32 -32.95
C MET A 190 -17.54 -9.83 -32.19
N SER A 191 -18.27 -8.87 -31.61
CA SER A 191 -19.44 -9.20 -30.81
C SER A 191 -20.52 -9.84 -31.66
N LEU A 192 -21.18 -10.85 -31.10
CA LEU A 192 -22.13 -11.66 -31.85
C LEU A 192 -23.33 -10.87 -32.32
N LEU A 193 -23.80 -9.89 -31.53
CA LEU A 193 -24.97 -9.09 -31.90
C LEU A 193 -24.61 -7.69 -32.36
N GLU A 194 -23.31 -7.37 -32.42
CA GLU A 194 -22.83 -6.06 -32.83
C GLU A 194 -21.54 -6.29 -33.59
N PRO A 195 -21.64 -6.82 -34.81
CA PRO A 195 -20.42 -7.26 -35.53
C PRO A 195 -19.43 -6.14 -35.79
N THR A 196 -19.81 -4.88 -35.57
CA THR A 196 -18.86 -3.78 -35.64
C THR A 196 -18.12 -3.56 -34.31
N LYS A 197 -18.51 -4.24 -33.23
CA LYS A 197 -17.90 -4.03 -31.93
C LYS A 197 -17.08 -5.25 -31.52
N LYS A 198 -15.83 -5.00 -31.13
CA LYS A 198 -14.96 -6.07 -30.67
C LYS A 198 -15.61 -6.81 -29.50
N MET A 199 -15.40 -8.12 -29.45
CA MET A 199 -15.94 -8.89 -28.36
C MET A 199 -15.11 -8.62 -27.11
N SER A 200 -15.80 -8.18 -26.04
CA SER A 200 -15.14 -7.70 -24.83
C SER A 200 -15.63 -8.48 -23.62
N LYS A 201 -14.70 -8.92 -22.78
CA LYS A 201 -15.08 -9.64 -21.56
C LYS A 201 -15.83 -8.77 -20.57
N SER A 202 -15.72 -7.44 -20.69
CA SER A 202 -16.41 -6.55 -19.78
C SER A 202 -17.80 -6.16 -20.29
N ASP A 203 -18.20 -6.67 -21.46
CA ASP A 203 -19.51 -6.37 -22.01
C ASP A 203 -20.61 -6.81 -21.04
N ASP A 204 -21.53 -5.90 -20.73
CA ASP A 204 -22.58 -6.28 -19.80
C ASP A 204 -23.62 -7.19 -20.46
N ASN A 205 -23.75 -7.12 -21.79
CA ASN A 205 -24.61 -8.04 -22.53
C ASN A 205 -23.79 -9.28 -22.88
N ARG A 206 -24.05 -10.39 -22.17
CA ARG A 206 -23.26 -11.60 -22.33
C ARG A 206 -23.61 -12.38 -23.59
N ASN A 207 -24.69 -12.03 -24.28
CA ASN A 207 -25.00 -12.66 -25.56
C ASN A 207 -24.07 -12.18 -26.66
N ASN A 208 -23.28 -11.15 -26.41
CA ASN A 208 -22.27 -10.73 -27.38
C ASN A 208 -21.02 -11.60 -27.32
N VAL A 209 -20.80 -12.32 -26.22
CA VAL A 209 -19.54 -13.01 -25.98
C VAL A 209 -19.78 -14.51 -25.84
N ILE A 210 -18.74 -15.28 -26.15
CA ILE A 210 -18.67 -16.69 -25.78
C ILE A 210 -17.58 -16.84 -24.75
N GLY A 211 -17.96 -17.26 -23.54
CA GLY A 211 -16.98 -17.51 -22.50
C GLY A 211 -16.38 -18.89 -22.64
N LEU A 212 -15.15 -19.04 -22.14
CA LEU A 212 -14.42 -20.27 -22.36
C LEU A 212 -15.06 -21.47 -21.68
N LEU A 213 -15.83 -21.26 -20.61
CA LEU A 213 -16.46 -22.35 -19.88
C LEU A 213 -17.89 -22.67 -20.33
N GLU A 214 -18.40 -22.04 -21.38
CA GLU A 214 -19.78 -22.27 -21.82
C GLU A 214 -19.93 -23.63 -22.51
N ASP A 215 -21.04 -24.32 -22.23
CA ASP A 215 -21.24 -25.63 -22.80
C ASP A 215 -21.71 -25.52 -24.26
N PRO A 216 -21.65 -26.62 -25.03
CA PRO A 216 -22.01 -26.52 -26.46
C PRO A 216 -23.44 -26.09 -26.71
N LYS A 217 -24.37 -26.39 -25.81
CA LYS A 217 -25.76 -25.96 -26.03
C LYS A 217 -25.89 -24.46 -25.82
N SER A 218 -25.15 -23.89 -24.87
CA SER A 218 -25.11 -22.44 -24.75
C SER A 218 -24.41 -21.80 -25.94
N VAL A 219 -23.36 -22.44 -26.45
CA VAL A 219 -22.61 -21.89 -27.57
C VAL A 219 -23.48 -21.85 -28.81
N VAL A 220 -24.17 -22.96 -29.12
CA VAL A 220 -25.01 -22.98 -30.32
C VAL A 220 -26.10 -21.92 -30.21
N LYS A 221 -26.60 -21.68 -29.00
CA LYS A 221 -27.72 -20.74 -28.87
C LYS A 221 -27.25 -19.33 -29.16
N LYS A 222 -26.11 -18.93 -28.60
CA LYS A 222 -25.59 -17.60 -28.90
C LYS A 222 -25.19 -17.47 -30.36
N ILE A 223 -24.62 -18.54 -30.95
CA ILE A 223 -24.21 -18.46 -32.36
C ILE A 223 -25.43 -18.36 -33.27
N LYS A 224 -26.52 -19.06 -32.92
CA LYS A 224 -27.71 -19.04 -33.77
C LYS A 224 -28.35 -17.66 -33.83
N ARG A 225 -28.16 -16.85 -32.79
CA ARG A 225 -28.74 -15.51 -32.76
C ARG A 225 -27.79 -14.44 -33.30
N ALA A 226 -26.55 -14.81 -33.63
CA ALA A 226 -25.59 -13.84 -34.13
C ALA A 226 -26.15 -13.12 -35.34
N VAL A 227 -25.91 -11.81 -35.39
CA VAL A 227 -26.46 -10.98 -36.46
C VAL A 227 -25.82 -11.37 -37.79
N THR A 228 -26.64 -11.51 -38.82
CA THR A 228 -26.11 -11.74 -40.16
C THR A 228 -26.55 -10.57 -41.03
N ASP A 229 -27.20 -10.82 -42.16
CA ASP A 229 -27.61 -9.76 -43.07
C ASP A 229 -28.86 -10.26 -43.78
N SER A 230 -29.45 -9.39 -44.60
CA SER A 230 -30.69 -9.72 -45.29
C SER A 230 -30.47 -10.11 -46.76
N ASP A 231 -29.23 -10.40 -47.16
CA ASP A 231 -28.95 -10.86 -48.53
C ASP A 231 -29.89 -12.00 -48.91
N GLU A 232 -30.46 -11.91 -50.09
CA GLU A 232 -31.26 -12.99 -50.64
C GLU A 232 -30.86 -13.07 -52.12
N PRO A 233 -30.35 -14.26 -52.65
CA PRO A 233 -30.23 -15.40 -51.73
C PRO A 233 -29.09 -15.24 -50.74
N PRO A 234 -29.21 -15.92 -49.54
CA PRO A 234 -28.08 -15.74 -48.62
C PRO A 234 -26.83 -16.33 -49.21
N VAL A 235 -25.70 -15.71 -48.93
CA VAL A 235 -24.43 -16.14 -49.52
C VAL A 235 -23.35 -15.99 -48.46
N VAL A 236 -22.50 -17.01 -48.33
CA VAL A 236 -21.42 -16.97 -47.37
C VAL A 236 -20.21 -16.34 -48.05
N ARG A 237 -20.02 -15.04 -47.84
CA ARG A 237 -18.94 -14.29 -48.47
C ARG A 237 -18.38 -13.28 -47.48
N TYR A 238 -17.05 -13.14 -47.46
CA TYR A 238 -16.41 -12.18 -46.57
C TYR A 238 -16.57 -10.78 -47.13
N ASP A 239 -17.13 -9.87 -46.33
CA ASP A 239 -17.35 -8.49 -46.74
C ASP A 239 -17.63 -7.70 -45.46
N VAL A 240 -16.60 -7.01 -44.96
CA VAL A 240 -16.73 -6.31 -43.68
C VAL A 240 -17.60 -5.06 -43.81
N GLN A 241 -17.79 -4.56 -45.01
CA GLN A 241 -18.65 -3.40 -45.19
C GLN A 241 -20.12 -3.78 -45.16
N ASN A 242 -20.51 -4.78 -45.97
CA ASN A 242 -21.92 -5.12 -46.14
C ASN A 242 -22.36 -6.38 -45.43
N LYS A 243 -21.42 -7.21 -44.97
CA LYS A 243 -21.75 -8.51 -44.36
C LYS A 243 -20.89 -8.74 -43.13
N ALA A 244 -20.97 -7.82 -42.17
CA ALA A 244 -20.07 -7.85 -41.02
C ALA A 244 -20.30 -9.10 -40.17
N GLY A 245 -21.56 -9.45 -39.94
CA GLY A 245 -21.85 -10.62 -39.12
C GLY A 245 -21.37 -11.91 -39.75
N VAL A 246 -21.71 -12.14 -41.03
CA VAL A 246 -21.23 -13.34 -41.72
C VAL A 246 -19.70 -13.35 -41.76
N SER A 247 -19.09 -12.19 -42.04
CA SER A 247 -17.63 -12.09 -42.03
C SER A 247 -17.06 -12.46 -40.65
N ASN A 248 -17.68 -11.97 -39.57
CA ASN A 248 -17.21 -12.33 -38.24
C ASN A 248 -17.34 -13.82 -37.98
N LEU A 249 -18.44 -14.41 -38.47
CA LEU A 249 -18.63 -15.85 -38.28
C LEU A 249 -17.53 -16.61 -39.00
N LEU A 250 -17.14 -16.13 -40.19
CA LEU A 250 -16.03 -16.76 -40.89
C LEU A 250 -14.70 -16.52 -40.17
N ASP A 251 -14.48 -15.33 -39.61
CA ASP A 251 -13.24 -15.09 -38.86
C ASP A 251 -13.14 -16.00 -37.64
N ILE A 252 -14.26 -16.19 -36.93
CA ILE A 252 -14.24 -17.08 -35.77
C ILE A 252 -13.85 -18.49 -36.21
N LEU A 253 -14.52 -19.00 -37.24
CA LEU A 253 -14.23 -20.35 -37.72
C LEU A 253 -12.77 -20.46 -38.18
N SER A 254 -12.27 -19.43 -38.85
CA SER A 254 -10.88 -19.41 -39.29
C SER A 254 -9.92 -19.42 -38.10
N ALA A 255 -10.19 -18.60 -37.09
CA ALA A 255 -9.40 -18.61 -35.87
C ALA A 255 -9.37 -19.99 -35.21
N VAL A 256 -10.43 -20.78 -35.36
CA VAL A 256 -10.48 -22.10 -34.72
C VAL A 256 -9.75 -23.13 -35.56
N THR A 257 -10.09 -23.22 -36.85
CA THR A 257 -9.59 -24.30 -37.68
C THR A 257 -8.34 -23.93 -38.48
N GLY A 258 -7.94 -22.66 -38.48
CA GLY A 258 -6.77 -22.24 -39.25
C GLY A 258 -6.99 -22.10 -40.74
N GLN A 259 -8.16 -22.45 -41.25
CA GLN A 259 -8.44 -22.29 -42.67
C GLN A 259 -8.51 -20.80 -43.05
N SER A 260 -7.99 -20.47 -44.23
CA SER A 260 -8.08 -19.12 -44.73
C SER A 260 -9.53 -18.81 -45.13
N ILE A 261 -9.83 -17.51 -45.22
CA ILE A 261 -11.15 -17.09 -45.69
C ILE A 261 -11.49 -17.70 -47.04
N PRO A 262 -10.61 -17.68 -48.06
CA PRO A 262 -11.00 -18.25 -49.36
C PRO A 262 -11.42 -19.71 -49.30
N GLU A 263 -10.70 -20.53 -48.52
CA GLU A 263 -11.12 -21.92 -48.36
C GLU A 263 -12.53 -22.01 -47.78
N LEU A 264 -12.82 -21.20 -46.77
CA LEU A 264 -14.13 -21.26 -46.12
C LEU A 264 -15.24 -20.81 -47.06
N GLU A 265 -14.99 -19.74 -47.82
CA GLU A 265 -15.97 -19.29 -48.80
C GLU A 265 -16.30 -20.40 -49.80
N LYS A 266 -15.28 -21.13 -50.23
CA LYS A 266 -15.50 -22.29 -51.10
C LYS A 266 -16.25 -23.40 -50.37
N GLN A 267 -15.91 -23.65 -49.12
CA GLN A 267 -16.54 -24.74 -48.37
C GLN A 267 -18.04 -24.51 -48.19
N PHE A 268 -18.46 -23.25 -48.05
CA PHE A 268 -19.86 -22.92 -47.81
C PHE A 268 -20.58 -22.44 -49.06
N GLU A 269 -20.03 -22.74 -50.23
CA GLU A 269 -20.69 -22.38 -51.47
C GLU A 269 -22.01 -23.14 -51.48
N GLY A 270 -23.09 -22.45 -51.80
CA GLY A 270 -24.40 -23.08 -51.86
C GLY A 270 -25.05 -23.39 -50.53
N LYS A 271 -24.53 -22.83 -49.46
CA LYS A 271 -25.07 -23.08 -48.13
C LYS A 271 -25.63 -21.82 -47.47
N MET A 272 -26.69 -22.01 -46.70
CA MET A 272 -27.33 -20.91 -45.99
C MET A 272 -26.69 -20.54 -44.64
N TYR A 273 -27.17 -19.46 -44.05
CA TYR A 273 -26.62 -18.99 -42.79
C TYR A 273 -26.79 -19.99 -41.64
N GLY A 274 -27.93 -20.68 -41.56
CA GLY A 274 -28.10 -21.67 -40.51
C GLY A 274 -26.98 -22.70 -40.50
N HIS A 275 -26.49 -23.05 -41.69
CA HIS A 275 -25.44 -24.06 -41.79
C HIS A 275 -24.10 -23.51 -41.36
N LEU A 276 -23.79 -22.26 -41.75
CA LEU A 276 -22.58 -21.63 -41.29
C LEU A 276 -22.57 -21.54 -39.76
N LYS A 277 -23.70 -21.14 -39.19
CA LYS A 277 -23.78 -21.00 -37.74
C LYS A 277 -23.59 -22.34 -37.05
N GLY A 278 -24.22 -23.39 -37.58
CA GLY A 278 -24.06 -24.71 -36.99
C GLY A 278 -22.61 -25.17 -36.98
N GLU A 279 -21.90 -24.97 -38.10
CA GLU A 279 -20.51 -25.38 -38.16
C GLU A 279 -19.60 -24.49 -37.31
N VAL A 280 -19.91 -23.20 -37.20
CA VAL A 280 -19.11 -22.35 -36.32
C VAL A 280 -19.30 -22.79 -34.88
N ALA A 281 -20.56 -23.02 -34.49
CA ALA A 281 -20.86 -23.50 -33.15
C ALA A 281 -20.14 -24.81 -32.86
N ASP A 282 -20.24 -25.76 -33.78
CA ASP A 282 -19.59 -27.06 -33.55
C ASP A 282 -18.07 -26.92 -33.45
N ALA A 283 -17.48 -26.02 -34.25
CA ALA A 283 -16.03 -25.82 -34.21
C ALA A 283 -15.60 -25.11 -32.92
N VAL A 284 -16.32 -24.07 -32.53
CA VAL A 284 -15.99 -23.39 -31.27
C VAL A 284 -16.06 -24.38 -30.11
N SER A 285 -17.16 -25.13 -30.03
CA SER A 285 -17.34 -26.06 -28.92
C SER A 285 -16.34 -27.20 -28.96
N GLY A 286 -15.94 -27.66 -30.16
CA GLY A 286 -14.84 -28.60 -30.23
C GLY A 286 -13.59 -28.06 -29.56
N MET A 287 -13.28 -26.79 -29.80
CA MET A 287 -12.13 -26.16 -29.14
C MET A 287 -12.34 -26.06 -27.64
N LEU A 288 -13.53 -25.64 -27.21
CA LEU A 288 -13.78 -25.38 -25.80
C LEU A 288 -13.88 -26.66 -24.98
N THR A 289 -14.42 -27.74 -25.57
CA THR A 289 -14.59 -28.98 -24.81
C THR A 289 -13.27 -29.52 -24.29
N GLU A 290 -12.22 -29.46 -25.11
CA GLU A 290 -10.89 -29.86 -24.64
C GLU A 290 -10.42 -28.95 -23.51
N LEU A 291 -10.68 -27.65 -23.64
CA LEU A 291 -10.31 -26.70 -22.60
C LEU A 291 -11.07 -26.97 -21.31
N GLN A 292 -12.35 -27.36 -21.43
CA GLN A 292 -13.19 -27.56 -20.26
C GLN A 292 -12.86 -28.86 -19.54
N GLU A 293 -12.49 -29.90 -20.28
CA GLU A 293 -12.02 -31.13 -19.63
C GLU A 293 -10.78 -30.87 -18.79
N ARG A 294 -9.80 -30.14 -19.34
CA ARG A 294 -8.62 -29.80 -18.55
C ARG A 294 -8.98 -28.89 -17.38
N TYR A 295 -9.93 -27.96 -17.60
CA TYR A 295 -10.35 -27.06 -16.52
C TYR A 295 -10.94 -27.84 -15.35
N HIS A 296 -11.86 -28.76 -15.64
CA HIS A 296 -12.48 -29.52 -14.57
C HIS A 296 -11.43 -30.33 -13.80
N ARG A 297 -10.42 -30.85 -14.50
CA ARG A 297 -9.38 -31.62 -13.83
C ARG A 297 -8.56 -30.75 -12.90
N PHE A 298 -8.13 -29.58 -13.37
CA PHE A 298 -7.36 -28.67 -12.52
C PHE A 298 -8.21 -28.14 -11.38
N ARG A 299 -9.44 -27.69 -11.70
CA ARG A 299 -10.28 -26.99 -10.72
C ARG A 299 -10.71 -27.92 -9.60
N ASN A 300 -10.95 -29.19 -9.92
CA ASN A 300 -11.37 -30.20 -8.96
C ASN A 300 -10.23 -30.77 -8.15
N ASP A 301 -8.99 -30.31 -8.35
CA ASP A 301 -7.86 -30.84 -7.60
C ASP A 301 -7.25 -29.69 -6.77
N GLU A 302 -7.85 -29.43 -5.62
CA GLU A 302 -7.43 -28.27 -4.86
C GLU A 302 -6.08 -28.49 -4.19
N ALA A 303 -5.71 -29.75 -3.92
CA ALA A 303 -4.35 -30.04 -3.48
C ALA A 303 -3.34 -29.54 -4.49
N PHE A 304 -3.59 -29.79 -5.77
CA PHE A 304 -2.65 -29.36 -6.81
C PHE A 304 -2.67 -27.84 -6.98
N LEU A 305 -3.86 -27.23 -6.96
CA LEU A 305 -3.92 -25.78 -7.02
C LEU A 305 -3.11 -25.14 -5.91
N GLN A 306 -3.17 -25.70 -4.70
CA GLN A 306 -2.40 -25.15 -3.60
C GLN A 306 -0.89 -25.26 -3.85
N GLN A 307 -0.46 -26.39 -4.43
N GLN A 307 -0.45 -26.40 -4.40
CA GLN A 307 0.96 -26.55 -4.76
CA GLN A 307 0.97 -26.54 -4.75
C GLN A 307 1.40 -25.52 -5.80
C GLN A 307 1.41 -25.51 -5.78
N VAL A 308 0.58 -25.29 -6.82
CA VAL A 308 0.90 -24.28 -7.83
C VAL A 308 0.98 -22.90 -7.20
N MET A 309 0.01 -22.57 -6.34
CA MET A 309 0.04 -21.25 -5.70
C MET A 309 1.25 -21.11 -4.79
N LYS A 310 1.57 -22.17 -4.04
CA LYS A 310 2.71 -22.13 -3.15
C LYS A 310 4.01 -21.97 -3.94
N ASP A 311 4.22 -22.83 -4.95
CA ASP A 311 5.41 -22.74 -5.80
C ASP A 311 5.50 -21.38 -6.49
N GLY A 312 4.39 -20.93 -7.08
CA GLY A 312 4.44 -19.68 -7.83
C GLY A 312 4.70 -18.46 -6.96
N ALA A 313 4.05 -18.39 -5.80
CA ALA A 313 4.28 -17.27 -4.89
C ALA A 313 5.72 -17.21 -4.41
N GLU A 314 6.33 -18.37 -4.13
CA GLU A 314 7.70 -18.32 -3.65
C GLU A 314 8.66 -17.99 -4.78
N LYS A 315 8.37 -18.44 -6.01
CA LYS A 315 9.21 -18.01 -7.12
C LYS A 315 9.07 -16.52 -7.35
N ALA A 316 7.83 -16.02 -7.30
CA ALA A 316 7.57 -14.60 -7.50
C ALA A 316 8.25 -13.76 -6.41
N SER A 317 8.05 -14.13 -5.14
CA SER A 317 8.66 -13.39 -4.04
C SER A 317 10.18 -13.41 -4.14
N ALA A 318 10.76 -14.52 -4.62
CA ALA A 318 12.22 -14.58 -4.72
C ALA A 318 12.75 -13.46 -5.62
N HIS A 319 12.08 -13.21 -6.74
CA HIS A 319 12.54 -12.15 -7.64
C HIS A 319 12.05 -10.78 -7.16
N ALA A 320 10.79 -10.70 -6.73
CA ALA A 320 10.24 -9.44 -6.22
C ALA A 320 11.05 -8.92 -5.02
N SER A 321 11.55 -9.82 -4.17
CA SER A 321 12.31 -9.37 -3.00
C SER A 321 13.65 -8.76 -3.39
N ARG A 322 14.26 -9.24 -4.48
N ARG A 322 14.26 -9.24 -4.48
CA ARG A 322 15.51 -8.62 -4.93
CA ARG A 322 15.49 -8.65 -4.96
C ARG A 322 15.26 -7.17 -5.35
C ARG A 322 15.28 -7.20 -5.39
N THR A 323 14.13 -6.91 -6.01
CA THR A 323 13.85 -5.55 -6.45
C THR A 323 13.49 -4.66 -5.27
N LEU A 324 12.68 -5.18 -4.35
CA LEU A 324 12.27 -4.37 -3.19
C LEU A 324 13.47 -4.03 -2.32
N LYS A 325 14.37 -5.01 -2.12
CA LYS A 325 15.62 -4.76 -1.39
C LYS A 325 16.37 -3.58 -1.99
N ALA A 326 16.49 -3.56 -3.32
CA ALA A 326 17.18 -2.44 -3.97
C ALA A 326 16.42 -1.14 -3.75
N VAL A 327 15.09 -1.18 -3.87
CA VAL A 327 14.25 0.00 -3.67
C VAL A 327 14.37 0.52 -2.24
N TYR A 328 14.29 -0.38 -1.26
CA TYR A 328 14.40 0.03 0.13
C TYR A 328 15.80 0.59 0.43
N GLU A 329 16.83 -0.01 -0.17
N GLU A 329 16.84 -0.01 -0.16
CA GLU A 329 18.16 0.53 -0.03
CA GLU A 329 18.16 0.57 0.01
C GLU A 329 18.24 1.93 -0.63
C GLU A 329 18.21 1.96 -0.60
N ALA A 330 17.63 2.12 -1.79
CA ALA A 330 17.70 3.39 -2.50
C ALA A 330 16.95 4.50 -1.78
N ILE A 331 15.82 4.19 -1.15
CA ILE A 331 15.06 5.29 -0.57
C ILE A 331 15.52 5.60 0.84
N GLY A 332 16.24 4.69 1.48
CA GLY A 332 16.93 5.01 2.72
C GLY A 332 16.53 4.19 3.94
N PHE A 333 15.83 3.08 3.74
CA PHE A 333 15.36 2.30 4.88
C PHE A 333 16.50 1.49 5.47
N VAL A 334 16.48 1.33 6.80
CA VAL A 334 17.33 0.34 7.44
C VAL A 334 16.94 -1.03 6.92
N ALA A 335 17.92 -1.81 6.46
CA ALA A 335 17.60 -3.15 5.96
C ALA A 335 17.06 -4.03 7.08
N LYS A 336 16.05 -4.82 6.78
CA LYS A 336 15.51 -5.73 7.79
C LYS A 336 16.57 -6.74 8.20
N PRO A 337 16.82 -6.92 9.52
CA PRO A 337 17.84 -7.85 10.03
C PRO A 337 17.43 -9.33 9.92
N THR B 5 -5.86 -8.56 31.78
CA THR B 5 -5.30 -8.44 30.44
C THR B 5 -5.09 -6.97 30.08
N LYS B 6 -3.88 -6.63 29.65
CA LYS B 6 -3.46 -5.24 29.57
C LYS B 6 -3.94 -4.58 28.27
N PRO B 7 -4.31 -3.30 28.32
CA PRO B 7 -4.69 -2.61 27.08
C PRO B 7 -3.51 -2.45 26.14
N ILE B 8 -3.78 -2.54 24.84
CA ILE B 8 -2.72 -2.44 23.84
C ILE B 8 -2.57 -0.98 23.41
N VAL B 9 -1.35 -0.46 23.46
CA VAL B 9 -1.06 0.94 23.15
C VAL B 9 -0.10 1.00 21.96
N PHE B 10 -0.48 1.76 20.94
CA PHE B 10 0.33 1.89 19.73
C PHE B 10 0.70 3.35 19.51
N SER B 11 1.99 3.60 19.25
N SER B 11 2.00 3.61 19.33
CA SER B 11 2.49 4.94 18.96
CA SER B 11 2.52 4.93 18.97
C SER B 11 3.46 4.90 17.78
C SER B 11 3.41 4.83 17.74
N GLY B 12 3.25 5.78 16.81
CA GLY B 12 4.17 5.92 15.69
C GLY B 12 5.20 6.99 15.96
N ALA B 13 6.48 6.62 15.82
CA ALA B 13 7.61 7.54 16.02
C ALA B 13 8.22 7.89 14.66
N GLN B 14 8.12 9.16 14.26
CA GLN B 14 8.71 9.60 13.01
C GLN B 14 10.23 9.59 13.11
N PRO B 15 10.94 8.93 12.18
CA PRO B 15 12.42 9.00 12.21
C PRO B 15 12.95 10.30 11.65
N SER B 16 12.56 11.41 12.25
CA SER B 16 13.06 12.69 11.76
C SER B 16 12.94 13.71 12.87
N GLY B 17 13.73 14.78 12.72
CA GLY B 17 13.75 15.85 13.66
C GLY B 17 14.29 15.43 15.01
N GLU B 18 13.92 16.21 16.01
CA GLU B 18 14.45 16.07 17.36
C GLU B 18 13.29 16.22 18.33
N LEU B 19 13.05 15.20 19.14
CA LEU B 19 12.08 15.32 20.22
C LEU B 19 12.50 16.44 21.17
N THR B 20 11.51 17.21 21.62
CA THR B 20 11.72 18.31 22.55
C THR B 20 11.50 17.84 23.98
N ILE B 21 11.87 18.69 24.94
CA ILE B 21 11.52 18.39 26.31
C ILE B 21 10.02 18.45 26.53
N GLY B 22 9.31 19.16 25.65
CA GLY B 22 7.85 19.13 25.70
C GLY B 22 7.30 17.76 25.33
N ASN B 23 7.81 17.19 24.23
CA ASN B 23 7.45 15.81 23.89
C ASN B 23 7.75 14.87 25.04
N TYR B 24 8.94 15.01 25.61
CA TYR B 24 9.40 14.08 26.63
C TYR B 24 8.61 14.26 27.91
N MET B 25 8.66 15.45 28.49
CA MET B 25 8.05 15.63 29.81
C MET B 25 6.53 15.60 29.76
N GLY B 26 5.94 15.86 28.60
CA GLY B 26 4.50 15.89 28.52
C GLY B 26 3.89 14.53 28.25
N ALA B 27 4.69 13.59 27.72
CA ALA B 27 4.12 12.33 27.27
C ALA B 27 5.08 11.16 27.45
N LEU B 28 6.21 11.18 26.75
CA LEU B 28 7.09 10.01 26.68
C LEU B 28 7.62 9.62 28.05
N ARG B 29 7.94 10.60 28.89
CA ARG B 29 8.47 10.30 30.22
C ARG B 29 7.51 9.41 31.01
N GLN B 30 6.20 9.68 30.91
CA GLN B 30 5.22 8.89 31.67
C GLN B 30 4.99 7.52 31.05
N TRP B 31 4.97 7.44 29.71
CA TRP B 31 4.81 6.14 29.09
C TRP B 31 5.97 5.21 29.41
N VAL B 32 7.18 5.76 29.61
CA VAL B 32 8.31 4.93 30.01
C VAL B 32 7.99 4.16 31.28
N ASN B 33 7.23 4.78 32.19
CA ASN B 33 6.91 4.16 33.48
C ASN B 33 5.62 3.36 33.46
N MET B 34 4.95 3.25 32.30
CA MET B 34 3.71 2.51 32.17
C MET B 34 3.88 1.24 31.35
N GLN B 35 5.10 0.73 31.24
CA GLN B 35 5.35 -0.41 30.36
C GLN B 35 4.88 -1.74 30.97
N ASP B 36 4.71 -1.81 32.29
CA ASP B 36 4.17 -3.01 32.92
C ASP B 36 2.64 -3.04 32.95
N ASP B 37 2.00 -1.86 32.98
CA ASP B 37 0.55 -1.75 33.05
C ASP B 37 -0.11 -1.91 31.70
N TYR B 38 0.60 -1.58 30.62
CA TYR B 38 0.05 -1.63 29.27
C TYR B 38 0.97 -2.47 28.40
N HIS B 39 0.41 -2.98 27.30
CA HIS B 39 1.20 -3.64 26.26
C HIS B 39 1.54 -2.56 25.23
N CYS B 40 2.71 -1.93 25.38
CA CYS B 40 3.03 -0.78 24.56
C CYS B 40 3.78 -1.20 23.30
N ILE B 41 3.43 -0.57 22.19
CA ILE B 41 4.05 -0.82 20.89
C ILE B 41 4.56 0.51 20.36
N TYR B 42 5.84 0.54 19.95
CA TYR B 42 6.47 1.72 19.36
C TYR B 42 6.92 1.37 17.96
N CYS B 43 6.39 2.08 16.97
CA CYS B 43 6.66 1.80 15.56
C CYS B 43 7.41 2.99 14.97
N ILE B 44 8.65 2.77 14.52
CA ILE B 44 9.40 3.86 13.90
C ILE B 44 8.97 3.91 12.43
N VAL B 45 8.25 4.96 12.05
CA VAL B 45 7.45 4.90 10.82
C VAL B 45 8.22 5.42 9.63
N ASP B 46 9.20 4.65 9.18
CA ASP B 46 9.96 5.06 8.00
C ASP B 46 9.11 5.06 6.72
N GLN B 47 8.04 4.26 6.65
CA GLN B 47 7.22 4.31 5.44
C GLN B 47 6.41 5.61 5.37
N HIS B 48 6.11 6.22 6.51
CA HIS B 48 5.49 7.54 6.51
C HIS B 48 6.50 8.64 6.17
N ALA B 49 7.74 8.47 6.65
CA ALA B 49 8.76 9.50 6.44
C ALA B 49 8.96 9.79 4.96
N ILE B 50 8.86 8.78 4.09
CA ILE B 50 9.18 8.99 2.68
C ILE B 50 8.08 9.73 1.92
N THR B 51 7.01 10.16 2.59
CA THR B 51 6.14 11.14 1.94
C THR B 51 6.79 12.52 1.80
N VAL B 52 7.95 12.74 2.43
CA VAL B 52 8.74 13.95 2.28
C VAL B 52 10.13 13.53 1.83
N ARG B 53 10.63 14.16 0.76
N ARG B 53 10.64 14.18 0.78
CA ARG B 53 11.95 13.86 0.23
CA ARG B 53 11.94 13.81 0.22
C ARG B 53 13.05 14.20 1.23
C ARG B 53 13.08 14.22 1.15
N GLN B 54 14.03 13.31 1.32
CA GLN B 54 15.26 13.61 2.02
C GLN B 54 16.33 12.66 1.51
N ASP B 55 17.58 13.02 1.75
CA ASP B 55 18.68 12.15 1.35
C ASP B 55 18.53 10.79 2.00
N ALA B 56 18.70 9.73 1.20
CA ALA B 56 18.38 8.38 1.69
C ALA B 56 19.22 8.00 2.90
N GLN B 57 20.53 8.31 2.89
CA GLN B 57 21.36 7.95 4.04
C GLN B 57 20.94 8.68 5.29
N LYS B 58 20.39 9.89 5.13
CA LYS B 58 19.93 10.64 6.31
C LYS B 58 18.76 9.91 6.98
N LEU B 59 17.83 9.36 6.17
CA LEU B 59 16.69 8.64 6.71
C LEU B 59 17.13 7.37 7.43
N ARG B 60 18.10 6.65 6.85
CA ARG B 60 18.62 5.45 7.50
C ARG B 60 19.24 5.79 8.85
N LYS B 61 20.08 6.84 8.88
CA LYS B 61 20.69 7.31 10.12
C LYS B 61 19.63 7.78 11.12
N ALA B 62 18.64 8.54 10.64
CA ALA B 62 17.59 9.04 11.53
C ALA B 62 16.76 7.90 12.11
N THR B 63 16.53 6.84 11.34
CA THR B 63 15.81 5.68 11.88
C THR B 63 16.54 5.13 13.10
N LEU B 64 17.86 4.93 12.97
CA LEU B 64 18.67 4.43 14.08
C LEU B 64 18.75 5.45 15.21
N ASP B 65 18.81 6.74 14.88
CA ASP B 65 18.83 7.77 15.92
C ASP B 65 17.57 7.66 16.78
N THR B 66 16.43 7.52 16.13
CA THR B 66 15.14 7.46 16.82
C THR B 66 15.04 6.23 17.70
N LEU B 67 15.42 5.06 17.16
CA LEU B 67 15.46 3.85 17.98
C LEU B 67 16.35 4.04 19.21
N ALA B 68 17.60 4.49 19.02
CA ALA B 68 18.50 4.67 20.16
C ALA B 68 17.96 5.68 21.15
N LEU B 69 17.17 6.64 20.67
CA LEU B 69 16.65 7.67 21.58
C LEU B 69 15.48 7.16 22.41
N TYR B 70 14.60 6.36 21.80
CA TYR B 70 13.51 5.79 22.59
C TYR B 70 14.06 4.82 23.63
N LEU B 71 15.10 4.07 23.27
CA LEU B 71 15.75 3.20 24.26
C LEU B 71 16.39 4.03 25.37
N ALA B 72 17.09 5.11 25.02
CA ALA B 72 17.74 5.94 26.03
C ALA B 72 16.72 6.54 26.98
N CYS B 73 15.54 6.88 26.45
CA CYS B 73 14.48 7.42 27.30
C CYS B 73 13.95 6.38 28.26
N GLY B 74 14.04 5.09 27.91
CA GLY B 74 13.74 4.02 28.84
C GLY B 74 12.71 3.05 28.31
N ILE B 75 12.41 3.12 27.01
CA ILE B 75 11.58 2.09 26.42
C ILE B 75 12.36 0.79 26.47
N ASP B 76 11.76 -0.22 27.10
CA ASP B 76 12.44 -1.46 27.41
C ASP B 76 12.02 -2.49 26.37
N PRO B 77 12.92 -2.90 25.46
CA PRO B 77 12.51 -3.84 24.40
C PRO B 77 12.14 -5.22 24.92
N GLU B 78 12.39 -5.50 26.19
CA GLU B 78 11.90 -6.72 26.80
C GLU B 78 10.50 -6.59 27.36
N LYS B 79 10.04 -5.36 27.63
CA LYS B 79 8.68 -5.14 28.10
C LYS B 79 7.75 -4.63 27.01
N SER B 80 8.25 -3.78 26.11
CA SER B 80 7.46 -3.23 25.03
C SER B 80 7.98 -3.77 23.70
N THR B 81 7.14 -3.64 22.67
CA THR B 81 7.52 -3.99 21.32
C THR B 81 7.95 -2.71 20.61
N ILE B 82 9.22 -2.66 20.16
CA ILE B 82 9.71 -1.53 19.40
C ILE B 82 10.35 -2.06 18.12
N PHE B 83 9.98 -1.46 16.99
CA PHE B 83 10.42 -1.98 15.71
C PHE B 83 10.35 -0.89 14.66
N VAL B 84 10.90 -1.19 13.49
CA VAL B 84 10.87 -0.29 12.34
C VAL B 84 9.76 -0.75 11.40
N GLN B 85 8.89 0.20 11.03
CA GLN B 85 7.66 -0.11 10.27
C GLN B 85 7.94 -0.96 9.03
N SER B 86 8.96 -0.59 8.25
CA SER B 86 9.18 -1.26 6.98
C SER B 86 9.63 -2.71 7.16
N HIS B 87 10.07 -3.09 8.36
CA HIS B 87 10.47 -4.48 8.61
C HIS B 87 9.30 -5.41 8.81
N VAL B 88 8.08 -4.89 8.86
CA VAL B 88 6.89 -5.71 9.03
C VAL B 88 5.99 -5.49 7.83
N PRO B 89 6.05 -6.38 6.83
CA PRO B 89 5.30 -6.15 5.57
C PRO B 89 3.81 -5.96 5.78
N GLU B 90 3.25 -6.49 6.87
CA GLU B 90 1.80 -6.44 7.06
C GLU B 90 1.30 -5.00 7.09
N HIS B 91 2.17 -4.04 7.46
CA HIS B 91 1.70 -2.65 7.45
C HIS B 91 1.27 -2.22 6.04
N ALA B 92 2.14 -2.43 5.05
CA ALA B 92 1.78 -2.06 3.69
C ALA B 92 0.65 -2.95 3.15
N GLN B 93 0.65 -4.23 3.50
CA GLN B 93 -0.43 -5.10 3.05
C GLN B 93 -1.80 -4.63 3.54
N LEU B 94 -1.93 -4.39 4.84
CA LEU B 94 -3.22 -3.89 5.32
C LEU B 94 -3.51 -2.48 4.82
N GLY B 95 -2.47 -1.68 4.61
CA GLY B 95 -2.67 -0.35 4.11
C GLY B 95 -3.32 -0.38 2.74
N TRP B 96 -2.91 -1.27 1.86
CA TRP B 96 -3.56 -1.33 0.56
C TRP B 96 -5.00 -1.78 0.74
N ALA B 97 -5.19 -2.83 1.51
CA ALA B 97 -6.54 -3.37 1.65
C ALA B 97 -7.50 -2.31 2.17
N LEU B 98 -7.05 -1.52 3.16
CA LEU B 98 -7.94 -0.52 3.75
C LEU B 98 -8.22 0.65 2.82
N ASN B 99 -7.37 0.89 1.82
CA ASN B 99 -7.71 1.84 0.76
C ASN B 99 -9.09 1.53 0.18
N CYS B 100 -9.40 0.24 0.03
CA CYS B 100 -10.66 -0.15 -0.60
C CYS B 100 -11.85 0.00 0.34
N TYR B 101 -11.61 0.34 1.61
CA TYR B 101 -12.69 0.61 2.56
C TYR B 101 -12.65 2.04 3.09
N THR B 102 -11.94 2.92 2.41
CA THR B 102 -11.82 4.34 2.75
C THR B 102 -12.45 5.16 1.64
N TYR B 103 -13.27 6.15 2.01
CA TYR B 103 -13.81 7.05 1.00
C TYR B 103 -12.76 8.05 0.50
N PHE B 104 -12.72 8.26 -0.81
CA PHE B 104 -11.87 9.32 -1.35
C PHE B 104 -12.13 10.63 -0.61
N GLY B 105 -13.40 10.97 -0.40
CA GLY B 105 -13.73 12.21 0.29
C GLY B 105 -13.18 12.32 1.70
N GLU B 106 -12.96 11.18 2.37
CA GLU B 106 -12.35 11.24 3.68
C GLU B 106 -10.91 11.72 3.60
N LEU B 107 -10.18 11.31 2.58
CA LEU B 107 -8.80 11.77 2.47
C LEU B 107 -8.75 13.19 1.93
N SER B 108 -9.66 13.52 1.01
CA SER B 108 -9.66 14.85 0.41
C SER B 108 -10.14 15.90 1.40
N ARG B 109 -10.85 15.50 2.46
CA ARG B 109 -11.22 16.44 3.50
C ARG B 109 -10.19 16.52 4.62
N MET B 110 -9.10 15.77 4.55
CA MET B 110 -8.00 16.01 5.49
C MET B 110 -7.63 17.48 5.45
N THR B 111 -7.58 18.11 6.63
CA THR B 111 -7.46 19.56 6.72
C THR B 111 -6.29 20.08 5.89
N GLN B 112 -5.14 19.40 5.94
CA GLN B 112 -4.01 19.88 5.16
C GLN B 112 -4.25 19.72 3.67
N PHE B 113 -5.06 18.77 3.25
CA PHE B 113 -5.36 18.72 1.82
C PHE B 113 -6.49 19.67 1.45
N LYS B 114 -7.55 19.66 2.25
CA LYS B 114 -8.70 20.51 2.03
C LYS B 114 -8.19 21.93 1.74
N ALA B 118 -5.88 23.52 -5.82
CA ALA B 118 -5.97 22.75 -7.06
C ALA B 118 -4.59 22.50 -7.65
N ARG B 119 -3.95 23.58 -8.11
CA ARG B 119 -2.59 23.47 -8.64
C ARG B 119 -1.64 22.90 -7.59
N TYR B 120 -1.75 23.37 -6.35
CA TYR B 120 -0.95 22.77 -5.29
C TYR B 120 -1.30 21.29 -5.14
N ALA B 121 -2.58 20.95 -5.31
CA ALA B 121 -3.01 19.58 -5.09
C ALA B 121 -2.39 18.63 -6.11
N GLU B 122 -2.37 19.02 -7.37
CA GLU B 122 -1.83 18.18 -8.41
C GLU B 122 -0.38 17.82 -8.17
N ASN B 123 0.39 18.77 -7.65
CA ASN B 123 1.81 18.55 -7.40
C ASN B 123 2.28 17.75 -6.19
N ILE B 124 1.42 17.50 -5.21
CA ILE B 124 1.84 16.72 -4.06
C ILE B 124 1.89 15.24 -4.45
N ASN B 125 2.68 14.44 -3.76
CA ASN B 125 2.76 13.02 -4.09
C ASN B 125 1.58 12.24 -3.45
N ALA B 126 1.24 11.10 -4.06
CA ALA B 126 0.09 10.33 -3.60
C ALA B 126 0.28 9.76 -2.20
N GLY B 127 1.53 9.61 -1.76
CA GLY B 127 1.76 9.18 -0.39
C GLY B 127 1.25 10.19 0.61
N LEU B 128 1.52 11.48 0.36
N LEU B 128 1.52 11.48 0.36
CA LEU B 128 0.99 12.53 1.23
CA LEU B 128 0.99 12.53 1.21
C LEU B 128 -0.54 12.47 1.28
C LEU B 128 -0.53 12.50 1.27
N PHE B 129 -1.18 12.11 0.18
CA PHE B 129 -2.63 12.03 0.18
C PHE B 129 -3.12 10.78 0.91
N ASP B 130 -2.39 9.66 0.79
CA ASP B 130 -2.88 8.33 1.17
C ASP B 130 -2.37 7.85 2.52
N TYR B 131 -1.40 8.52 3.13
CA TYR B 131 -0.82 8.00 4.36
C TYR B 131 -1.81 7.90 5.52
N PRO B 132 -2.89 8.66 5.61
CA PRO B 132 -3.86 8.37 6.69
C PRO B 132 -4.37 6.94 6.65
N VAL B 133 -4.43 6.33 5.46
CA VAL B 133 -4.90 4.94 5.39
C VAL B 133 -3.84 4.01 5.97
N LEU B 134 -2.57 4.26 5.63
CA LEU B 134 -1.47 3.49 6.21
C LEU B 134 -1.45 3.66 7.71
N MET B 135 -1.73 4.87 8.20
N MET B 135 -1.70 4.88 8.19
CA MET B 135 -1.79 5.08 9.64
CA MET B 135 -1.80 5.10 9.63
C MET B 135 -2.93 4.29 10.27
C MET B 135 -2.91 4.25 10.24
N ALA B 136 -4.06 4.17 9.58
CA ALA B 136 -5.14 3.32 10.09
C ALA B 136 -4.68 1.87 10.15
N ALA B 137 -3.98 1.42 9.11
CA ALA B 137 -3.45 0.07 9.09
C ALA B 137 -2.47 -0.17 10.25
N ASP B 138 -1.55 0.78 10.47
CA ASP B 138 -0.56 0.67 11.54
C ASP B 138 -1.22 0.35 12.88
N ILE B 139 -2.30 1.07 13.17
CA ILE B 139 -3.00 0.94 14.43
C ILE B 139 -3.80 -0.35 14.48
N LEU B 140 -4.57 -0.62 13.42
CA LEU B 140 -5.54 -1.70 13.48
C LEU B 140 -4.89 -3.08 13.45
N LEU B 141 -3.69 -3.18 12.88
CA LEU B 141 -2.96 -4.45 12.81
C LEU B 141 -2.76 -5.10 14.17
N TYR B 142 -2.67 -4.30 15.24
CA TYR B 142 -2.28 -4.79 16.55
C TYR B 142 -3.44 -4.87 17.53
N GLN B 143 -4.69 -4.80 17.04
N GLN B 143 -4.69 -4.80 17.02
CA GLN B 143 -5.87 -4.80 17.90
CA GLN B 143 -5.88 -4.78 17.88
C GLN B 143 -5.73 -3.72 18.98
C GLN B 143 -5.73 -3.73 18.97
N THR B 144 -5.21 -2.57 18.56
CA THR B 144 -4.90 -1.49 19.49
C THR B 144 -6.15 -0.98 20.17
N ASN B 145 -6.02 -0.73 21.48
CA ASN B 145 -7.07 -0.10 22.28
C ASN B 145 -6.88 1.39 22.44
N LEU B 146 -5.62 1.84 22.54
CA LEU B 146 -5.29 3.21 22.93
C LEU B 146 -4.21 3.76 22.01
N VAL B 147 -4.43 4.98 21.50
CA VAL B 147 -3.43 5.63 20.65
C VAL B 147 -3.13 6.98 21.27
N PRO B 148 -1.95 7.13 21.89
CA PRO B 148 -1.66 8.38 22.59
C PRO B 148 -1.10 9.37 21.61
N VAL B 149 -1.92 10.30 21.13
CA VAL B 149 -1.52 11.11 19.99
C VAL B 149 -1.86 12.58 20.25
N GLY B 150 -1.08 13.47 19.61
CA GLY B 150 -1.28 14.91 19.76
C GLY B 150 -2.41 15.42 18.87
N GLU B 151 -2.71 16.71 19.04
CA GLU B 151 -3.86 17.31 18.39
C GLU B 151 -3.81 17.18 16.87
N ASP B 152 -2.62 17.32 16.29
CA ASP B 152 -2.47 17.22 14.84
C ASP B 152 -2.90 15.87 14.27
N GLN B 153 -3.08 14.84 15.10
CA GLN B 153 -3.43 13.51 14.62
C GLN B 153 -4.85 13.09 14.97
N LYS B 154 -5.67 14.00 15.50
CA LYS B 154 -7.01 13.61 15.93
C LYS B 154 -7.86 13.18 14.75
N GLN B 155 -7.79 13.91 13.64
CA GLN B 155 -8.53 13.53 12.45
C GLN B 155 -8.06 12.17 11.92
N HIS B 156 -6.75 11.89 12.02
CA HIS B 156 -6.26 10.59 11.58
C HIS B 156 -6.79 9.47 12.47
N LEU B 157 -6.83 9.69 13.78
CA LEU B 157 -7.33 8.64 14.67
C LEU B 157 -8.81 8.38 14.43
N GLU B 158 -9.58 9.44 14.18
CA GLU B 158 -10.99 9.27 13.90
C GLU B 158 -11.22 8.48 12.59
N LEU B 159 -10.40 8.74 11.56
CA LEU B 159 -10.53 7.96 10.33
C LEU B 159 -10.31 6.47 10.61
N SER B 160 -9.28 6.13 11.38
N SER B 160 -9.29 6.14 11.40
CA SER B 160 -9.05 4.74 11.73
CA SER B 160 -9.04 4.73 11.73
C SER B 160 -10.27 4.12 12.42
C SER B 160 -10.23 4.10 12.45
N ARG B 161 -10.91 4.88 13.30
CA ARG B 161 -12.09 4.36 13.99
C ARG B 161 -13.23 4.14 13.01
N ASP B 162 -13.38 5.05 12.05
CA ASP B 162 -14.44 4.93 11.05
C ASP B 162 -14.21 3.71 10.18
N ILE B 163 -12.99 3.54 9.70
CA ILE B 163 -12.66 2.39 8.85
C ILE B 163 -12.93 1.09 9.59
N ALA B 164 -12.44 0.98 10.83
CA ALA B 164 -12.67 -0.22 11.64
C ALA B 164 -14.16 -0.51 11.78
N GLN B 165 -14.95 0.51 12.08
CA GLN B 165 -16.38 0.30 12.26
C GLN B 165 -17.05 -0.14 10.95
N ARG B 166 -16.67 0.48 9.82
CA ARG B 166 -17.35 0.13 8.59
C ARG B 166 -16.91 -1.23 8.08
N PHE B 167 -15.66 -1.62 8.36
CA PHE B 167 -15.20 -2.96 8.02
C PHE B 167 -15.91 -4.02 8.85
N ASN B 168 -15.97 -3.81 10.18
CA ASN B 168 -16.68 -4.74 11.06
C ASN B 168 -18.16 -4.86 10.68
N ALA B 169 -18.79 -3.75 10.28
CA ALA B 169 -20.20 -3.82 9.91
C ALA B 169 -20.40 -4.66 8.65
N LEU B 170 -19.40 -4.71 7.78
CA LEU B 170 -19.48 -5.53 6.57
C LEU B 170 -19.20 -7.00 6.86
N TYR B 171 -18.25 -7.29 7.75
CA TYR B 171 -17.67 -8.63 7.82
C TYR B 171 -17.78 -9.29 9.19
N GLY B 172 -18.35 -8.64 10.18
CA GLY B 172 -18.28 -9.16 11.53
C GLY B 172 -17.09 -8.56 12.26
N ASP B 173 -16.95 -8.99 13.51
CA ASP B 173 -15.96 -8.39 14.41
C ASP B 173 -14.56 -8.87 14.03
N ILE B 174 -13.81 -8.03 13.31
CA ILE B 174 -12.43 -8.31 12.95
C ILE B 174 -11.47 -7.35 13.64
N PHE B 175 -11.77 -6.05 13.61
CA PHE B 175 -10.91 -5.04 14.20
C PHE B 175 -11.41 -4.61 15.56
N LYS B 176 -10.48 -4.31 16.46
CA LYS B 176 -10.79 -3.48 17.62
C LYS B 176 -10.92 -2.03 17.19
N VAL B 177 -11.85 -1.31 17.81
CA VAL B 177 -12.01 0.12 17.56
C VAL B 177 -11.12 0.87 18.55
N PRO B 178 -10.07 1.55 18.11
CA PRO B 178 -9.20 2.25 19.05
C PRO B 178 -9.88 3.48 19.65
N GLU B 179 -9.25 3.99 20.72
N GLU B 179 -9.28 3.97 20.73
CA GLU B 179 -9.66 5.17 21.47
CA GLU B 179 -9.67 5.18 21.43
C GLU B 179 -8.46 6.07 21.70
C GLU B 179 -8.46 6.07 21.67
N PRO B 180 -8.66 7.39 21.79
CA PRO B 180 -7.54 8.27 22.13
C PRO B 180 -7.10 8.05 23.57
N PHE B 181 -5.89 8.53 23.86
CA PHE B 181 -5.44 8.60 25.24
C PHE B 181 -5.10 10.03 25.62
N ALA B 187 2.60 17.86 31.61
CA ALA B 187 3.50 19.02 31.71
C ALA B 187 3.07 20.12 30.74
N ARG B 188 3.69 21.28 30.85
CA ARG B 188 3.26 22.48 30.13
C ARG B 188 4.50 23.26 29.70
N VAL B 189 4.92 23.11 28.44
CA VAL B 189 6.21 23.65 27.97
C VAL B 189 5.96 24.56 26.77
N MET B 190 6.19 25.86 26.95
CA MET B 190 5.97 26.82 25.87
C MET B 190 7.29 27.19 25.20
N SER B 191 7.18 27.85 24.04
CA SER B 191 8.36 28.24 23.29
C SER B 191 9.18 29.28 24.05
N LEU B 192 10.50 29.10 24.04
CA LEU B 192 11.37 29.92 24.89
C LEU B 192 11.28 31.40 24.55
N LEU B 193 11.15 31.72 23.25
CA LEU B 193 11.11 33.10 22.81
C LEU B 193 9.70 33.58 22.48
N GLU B 194 8.69 32.71 22.59
CA GLU B 194 7.30 33.07 22.34
C GLU B 194 6.44 32.34 23.36
N PRO B 195 6.45 32.79 24.61
CA PRO B 195 5.92 31.95 25.70
C PRO B 195 4.42 31.79 25.70
N THR B 196 3.69 32.40 24.75
CA THR B 196 2.27 32.09 24.54
C THR B 196 2.08 30.96 23.54
N LYS B 197 3.13 30.52 22.87
CA LYS B 197 3.03 29.50 21.83
C LYS B 197 3.70 28.24 22.33
N LYS B 198 2.96 27.13 22.30
CA LYS B 198 3.50 25.89 22.84
C LYS B 198 4.78 25.51 22.09
N MET B 199 5.72 24.93 22.82
CA MET B 199 6.96 24.49 22.21
C MET B 199 6.68 23.34 21.25
N SER B 200 7.21 23.45 20.03
CA SER B 200 6.81 22.57 18.95
C SER B 200 8.04 21.93 18.32
N LYS B 201 7.98 20.60 18.18
CA LYS B 201 9.00 19.88 17.43
C LYS B 201 9.23 20.48 16.06
N SER B 202 8.19 21.06 15.45
CA SER B 202 8.25 21.50 14.07
C SER B 202 8.59 22.98 13.91
N ASP B 203 9.02 23.67 14.97
CA ASP B 203 9.28 25.10 14.87
C ASP B 203 10.50 25.37 14.02
N ASP B 204 10.38 26.31 13.08
CA ASP B 204 11.53 26.75 12.29
C ASP B 204 12.55 27.49 13.13
N ASN B 205 12.13 28.09 14.24
CA ASN B 205 13.01 28.87 15.09
C ASN B 205 13.52 27.94 16.18
N ARG B 206 14.70 27.36 15.93
CA ARG B 206 15.28 26.40 16.87
C ARG B 206 15.47 27.00 18.26
N ASN B 207 15.67 28.31 18.35
CA ASN B 207 15.89 28.94 19.64
C ASN B 207 14.67 28.86 20.54
N ASN B 208 13.50 28.53 19.99
CA ASN B 208 12.32 28.29 20.80
C ASN B 208 12.34 26.95 21.52
N VAL B 209 13.25 26.06 21.13
CA VAL B 209 13.10 24.62 21.34
C VAL B 209 14.33 24.10 22.09
N ILE B 210 14.10 23.17 23.01
CA ILE B 210 15.16 22.39 23.64
C ILE B 210 15.00 20.95 23.20
N GLY B 211 15.91 20.48 22.37
CA GLY B 211 15.88 19.09 21.95
C GLY B 211 16.54 18.19 22.97
N LEU B 212 16.07 16.95 23.02
CA LEU B 212 16.58 16.00 24.00
C LEU B 212 18.09 15.75 23.87
N LEU B 213 18.65 15.94 22.68
CA LEU B 213 20.05 15.63 22.44
C LEU B 213 20.98 16.84 22.44
N GLU B 214 20.47 18.05 22.69
CA GLU B 214 21.33 19.23 22.80
C GLU B 214 22.14 19.19 24.09
N ASP B 215 23.42 19.56 24.01
CA ASP B 215 24.24 19.43 25.21
C ASP B 215 23.95 20.56 26.18
N PRO B 216 24.36 20.42 27.46
CA PRO B 216 24.18 21.50 28.44
C PRO B 216 24.43 22.90 27.90
N LYS B 217 25.59 23.10 27.25
CA LYS B 217 26.00 24.45 26.84
C LYS B 217 24.95 25.11 25.96
N SER B 218 24.50 24.43 24.89
CA SER B 218 23.50 25.04 24.03
C SER B 218 22.18 25.24 24.77
N VAL B 219 21.75 24.23 25.54
CA VAL B 219 20.55 24.37 26.35
C VAL B 219 20.67 25.58 27.26
N VAL B 220 21.78 25.70 27.96
CA VAL B 220 21.97 26.79 28.87
C VAL B 220 21.91 28.13 28.19
N LYS B 221 22.52 28.23 27.03
CA LYS B 221 22.47 29.49 26.27
C LYS B 221 21.05 29.85 25.86
N LYS B 222 20.27 28.86 25.43
CA LYS B 222 18.91 29.14 24.99
C LYS B 222 18.02 29.55 26.17
N ILE B 223 18.24 28.95 27.34
CA ILE B 223 17.45 29.26 28.52
C ILE B 223 17.71 30.69 28.99
N LYS B 224 18.97 31.16 28.90
CA LYS B 224 19.25 32.50 29.41
C LYS B 224 18.64 33.58 28.52
N ARG B 225 18.36 33.27 27.26
CA ARG B 225 17.70 34.22 26.37
C ARG B 225 16.18 34.09 26.43
N ALA B 226 15.66 33.20 27.27
CA ALA B 226 14.22 32.97 27.27
C ALA B 226 13.51 34.25 27.68
N VAL B 227 12.38 34.52 27.03
CA VAL B 227 11.63 35.74 27.31
C VAL B 227 11.09 35.69 28.73
N THR B 228 11.20 36.83 29.44
CA THR B 228 10.55 36.99 30.73
C THR B 228 9.56 38.13 30.59
N ASP B 229 9.67 39.18 31.39
CA ASP B 229 8.82 40.36 31.25
C ASP B 229 9.58 41.56 31.80
N SER B 230 8.94 42.73 31.74
CA SER B 230 9.57 43.98 32.16
C SER B 230 8.97 44.51 33.46
N ASP B 231 8.47 43.62 34.31
CA ASP B 231 7.91 44.05 35.60
C ASP B 231 8.96 44.80 36.41
N GLU B 232 8.54 45.88 37.05
CA GLU B 232 9.44 46.62 37.89
C GLU B 232 8.79 46.66 39.26
N PRO B 233 9.42 46.06 40.35
CA PRO B 233 10.68 45.35 40.10
C PRO B 233 10.37 43.94 39.63
N PRO B 234 11.44 43.23 39.10
CA PRO B 234 11.11 41.85 38.67
C PRO B 234 10.72 40.97 39.85
N VAL B 235 9.71 40.13 39.68
CA VAL B 235 9.25 39.24 40.73
C VAL B 235 8.92 37.90 40.08
N VAL B 236 9.45 36.81 40.64
CA VAL B 236 9.14 35.48 40.14
C VAL B 236 7.76 35.10 40.70
N ARG B 237 6.72 35.34 39.92
CA ARG B 237 5.34 35.07 40.29
C ARG B 237 4.65 34.32 39.16
N TYR B 238 3.79 33.38 39.51
CA TYR B 238 3.06 32.64 38.48
C TYR B 238 1.83 33.43 38.04
N ASP B 239 1.71 33.63 36.74
CA ASP B 239 0.64 34.38 36.13
C ASP B 239 0.73 34.20 34.62
N VAL B 240 -0.03 33.26 34.07
CA VAL B 240 0.13 32.90 32.65
C VAL B 240 -0.31 34.05 31.75
N GLN B 241 -1.30 34.83 32.19
CA GLN B 241 -1.83 35.89 31.34
C GLN B 241 -0.85 37.06 31.22
N ASN B 242 -0.32 37.52 32.35
CA ASN B 242 0.47 38.72 32.42
C ASN B 242 1.96 38.46 32.48
N LYS B 243 2.38 37.23 32.79
CA LYS B 243 3.79 36.91 32.94
C LYS B 243 4.07 35.54 32.30
N ALA B 244 3.67 35.38 31.04
CA ALA B 244 3.76 34.08 30.36
C ALA B 244 5.20 33.55 30.35
N GLY B 245 6.17 34.42 30.17
CA GLY B 245 7.55 33.97 30.11
C GLY B 245 8.06 33.37 31.41
N VAL B 246 7.98 34.17 32.48
CA VAL B 246 8.35 33.68 33.81
C VAL B 246 7.55 32.43 34.16
N SER B 247 6.25 32.42 33.83
CA SER B 247 5.40 31.29 34.18
C SER B 247 5.83 30.03 33.45
N ASN B 248 6.25 30.17 32.19
CA ASN B 248 6.75 29.01 31.44
C ASN B 248 7.98 28.43 32.10
N LEU B 249 8.95 29.28 32.46
CA LEU B 249 10.16 28.80 33.14
C LEU B 249 9.81 28.11 34.46
N LEU B 250 8.81 28.63 35.17
CA LEU B 250 8.39 27.96 36.40
C LEU B 250 7.76 26.60 36.10
N ASP B 251 6.96 26.52 35.04
CA ASP B 251 6.33 25.25 34.69
C ASP B 251 7.37 24.24 34.22
N ILE B 252 8.39 24.70 33.48
CA ILE B 252 9.45 23.80 33.04
C ILE B 252 10.20 23.25 34.24
N LEU B 253 10.60 24.14 35.14
CA LEU B 253 11.27 23.72 36.38
C LEU B 253 10.39 22.78 37.21
N SER B 254 9.09 23.11 37.32
CA SER B 254 8.18 22.23 38.06
C SER B 254 8.04 20.87 37.39
N ALA B 255 7.94 20.84 36.06
CA ALA B 255 7.86 19.56 35.36
C ALA B 255 9.12 18.74 35.55
N VAL B 256 10.27 19.39 35.66
CA VAL B 256 11.52 18.65 35.84
C VAL B 256 11.63 18.09 37.25
N THR B 257 11.40 18.94 38.26
CA THR B 257 11.72 18.59 39.64
C THR B 257 10.56 18.04 40.44
N GLY B 258 9.32 18.33 40.03
CA GLY B 258 8.18 17.93 40.82
C GLY B 258 7.81 18.86 41.93
N GLN B 259 8.49 20.01 42.05
CA GLN B 259 8.10 21.01 43.02
C GLN B 259 6.88 21.75 42.54
N SER B 260 5.93 21.99 43.45
CA SER B 260 4.76 22.76 43.13
C SER B 260 5.15 24.18 42.69
N ILE B 261 4.21 24.84 42.01
CA ILE B 261 4.40 26.27 41.72
C ILE B 261 4.48 27.09 42.99
N PRO B 262 3.65 26.87 44.02
CA PRO B 262 3.85 27.62 45.28
C PRO B 262 5.22 27.41 45.90
N GLU B 263 5.76 26.19 45.87
CA GLU B 263 7.09 25.94 46.43
C GLU B 263 8.15 26.76 45.70
N LEU B 264 8.08 26.80 44.36
CA LEU B 264 9.08 27.55 43.61
C LEU B 264 8.93 29.05 43.81
N GLU B 265 7.69 29.53 43.90
CA GLU B 265 7.47 30.96 44.17
C GLU B 265 8.15 31.38 45.47
N LYS B 266 8.01 30.57 46.51
CA LYS B 266 8.66 30.88 47.79
C LYS B 266 10.17 30.79 47.65
N GLN B 267 10.61 29.81 46.89
CA GLN B 267 12.03 29.56 46.67
C GLN B 267 12.70 30.75 46.06
N PHE B 268 12.00 31.42 45.16
CA PHE B 268 12.53 32.58 44.46
C PHE B 268 12.20 33.96 45.03
N GLU B 269 11.67 34.02 46.24
CA GLU B 269 11.35 35.32 46.82
C GLU B 269 12.60 36.17 46.90
N GLY B 270 12.50 37.42 46.47
CA GLY B 270 13.61 38.34 46.44
C GLY B 270 14.69 38.00 45.43
N LYS B 271 14.53 36.91 44.70
CA LYS B 271 15.47 36.52 43.66
C LYS B 271 15.05 37.14 42.32
N MET B 272 15.97 37.12 41.36
CA MET B 272 15.71 37.74 40.08
C MET B 272 15.58 36.70 38.98
N TYR B 273 15.16 37.18 37.81
CA TYR B 273 14.91 36.29 36.68
C TYR B 273 16.16 35.54 36.27
N GLY B 274 17.34 36.13 36.50
CA GLY B 274 18.56 35.43 36.17
C GLY B 274 18.79 34.20 37.03
N HIS B 275 18.42 34.28 38.32
CA HIS B 275 18.49 33.12 39.19
C HIS B 275 17.54 32.03 38.72
N LEU B 276 16.32 32.41 38.33
CA LEU B 276 15.35 31.44 37.81
C LEU B 276 15.89 30.76 36.56
N LYS B 277 16.45 31.54 35.64
CA LYS B 277 17.01 30.94 34.43
C LYS B 277 18.13 29.96 34.76
N GLY B 278 19.01 30.34 35.71
CA GLY B 278 20.09 29.44 36.09
C GLY B 278 19.58 28.10 36.62
N GLU B 279 18.60 28.13 37.53
CA GLU B 279 18.03 26.89 38.04
C GLU B 279 17.37 26.08 36.92
N VAL B 280 16.69 26.75 35.99
CA VAL B 280 16.04 25.99 34.92
C VAL B 280 17.07 25.30 34.03
N ALA B 281 18.16 26.00 33.70
CA ALA B 281 19.21 25.39 32.87
C ALA B 281 19.83 24.20 33.58
N ASP B 282 20.20 24.37 34.86
CA ASP B 282 20.76 23.26 35.63
C ASP B 282 19.81 22.07 35.66
N ALA B 283 18.53 22.33 35.94
CA ALA B 283 17.58 21.23 36.12
C ALA B 283 17.32 20.52 34.81
N VAL B 284 17.09 21.29 33.74
CA VAL B 284 16.84 20.70 32.43
C VAL B 284 18.08 19.94 31.96
N SER B 285 19.20 20.64 31.83
CA SER B 285 20.41 20.04 31.31
C SER B 285 20.86 18.84 32.15
N GLY B 286 20.48 18.78 33.42
CA GLY B 286 20.73 17.58 34.19
C GLY B 286 19.94 16.40 33.67
N MET B 287 18.65 16.64 33.39
CA MET B 287 17.80 15.63 32.75
C MET B 287 18.42 15.16 31.44
N LEU B 288 18.95 16.07 30.63
CA LEU B 288 19.44 15.71 29.31
C LEU B 288 20.75 14.91 29.39
N THR B 289 21.65 15.29 30.31
CA THR B 289 22.94 14.62 30.39
C THR B 289 22.79 13.12 30.67
N GLU B 290 21.90 12.76 31.61
CA GLU B 290 21.59 11.34 31.85
C GLU B 290 21.04 10.67 30.60
N LEU B 291 20.18 11.38 29.87
CA LEU B 291 19.56 10.81 28.68
C LEU B 291 20.59 10.58 27.58
N GLN B 292 21.45 11.56 27.36
CA GLN B 292 22.45 11.47 26.30
C GLN B 292 23.44 10.36 26.58
N GLU B 293 23.87 10.21 27.84
CA GLU B 293 24.74 9.11 28.22
C GLU B 293 24.19 7.79 27.70
N ARG B 294 22.91 7.53 27.96
N ARG B 294 22.91 7.51 27.97
CA ARG B 294 22.30 6.30 27.46
CA ARG B 294 22.33 6.29 27.45
C ARG B 294 22.26 6.30 25.93
C ARG B 294 22.29 6.31 25.93
N TYR B 295 21.98 7.46 25.33
CA TYR B 295 21.82 7.52 23.87
C TYR B 295 23.11 7.15 23.16
N HIS B 296 24.23 7.76 23.54
CA HIS B 296 25.45 7.53 22.77
C HIS B 296 25.93 6.10 22.90
N ARG B 297 25.67 5.45 24.04
CA ARG B 297 26.08 4.05 24.18
C ARG B 297 25.21 3.14 23.32
N PHE B 298 23.88 3.33 23.37
CA PHE B 298 23.00 2.55 22.51
C PHE B 298 23.29 2.82 21.04
N ARG B 299 23.43 4.10 20.68
CA ARG B 299 23.52 4.48 19.27
C ARG B 299 24.81 3.96 18.65
N ASN B 300 25.91 3.93 19.40
CA ASN B 300 27.18 3.43 18.88
C ASN B 300 27.31 1.91 18.91
N ASP B 301 26.30 1.18 19.36
CA ASP B 301 26.37 -0.27 19.45
C ASP B 301 25.46 -0.83 18.36
N GLU B 302 26.02 -0.96 17.16
CA GLU B 302 25.18 -1.36 16.04
C GLU B 302 24.71 -2.80 16.20
N ALA B 303 25.54 -3.66 16.80
CA ALA B 303 25.09 -5.02 17.08
C ALA B 303 23.83 -5.01 17.93
N PHE B 304 23.80 -4.14 18.95
CA PHE B 304 22.67 -4.13 19.86
C PHE B 304 21.40 -3.61 19.19
N LEU B 305 21.52 -2.53 18.41
CA LEU B 305 20.35 -2.01 17.71
C LEU B 305 19.82 -3.03 16.71
N GLN B 306 20.71 -3.77 16.04
CA GLN B 306 20.26 -4.81 15.11
C GLN B 306 19.44 -5.86 15.84
N GLN B 307 19.90 -6.31 17.00
CA GLN B 307 19.16 -7.36 17.72
C GLN B 307 17.83 -6.84 18.20
N VAL B 308 17.78 -5.58 18.66
CA VAL B 308 16.52 -4.97 19.09
C VAL B 308 15.54 -4.92 17.92
N MET B 309 16.01 -4.50 16.74
CA MET B 309 15.11 -4.44 15.57
C MET B 309 14.66 -5.83 15.14
N LYS B 310 15.57 -6.81 15.16
CA LYS B 310 15.20 -8.16 14.78
C LYS B 310 14.13 -8.72 15.73
N ASP B 311 14.38 -8.59 17.04
N ASP B 311 14.34 -8.54 17.03
CA ASP B 311 13.43 -9.09 18.03
CA ASP B 311 13.41 -9.10 18.02
C ASP B 311 12.09 -8.38 17.90
C ASP B 311 12.08 -8.37 18.00
N GLY B 312 12.11 -7.06 17.82
CA GLY B 312 10.86 -6.30 17.77
C GLY B 312 10.06 -6.58 16.52
N ALA B 313 10.72 -6.64 15.35
CA ALA B 313 10.03 -7.02 14.12
C ALA B 313 9.42 -8.41 14.22
N GLU B 314 10.12 -9.33 14.89
N GLU B 314 10.10 -9.35 14.88
CA GLU B 314 9.61 -10.68 15.07
CA GLU B 314 9.52 -10.68 15.00
C GLU B 314 8.35 -10.69 15.91
C GLU B 314 8.29 -10.67 15.90
N LYS B 315 8.39 -10.00 17.05
CA LYS B 315 7.22 -9.89 17.92
C LYS B 315 6.08 -9.16 17.21
N ALA B 316 6.37 -8.02 16.58
CA ALA B 316 5.35 -7.28 15.84
C ALA B 316 4.71 -8.15 14.76
N SER B 317 5.55 -8.81 13.94
CA SER B 317 5.04 -9.64 12.84
C SER B 317 4.15 -10.76 13.35
N ALA B 318 4.46 -11.34 14.50
CA ALA B 318 3.65 -12.43 15.03
C ALA B 318 2.22 -11.98 15.29
N HIS B 319 2.05 -10.76 15.83
CA HIS B 319 0.72 -10.22 16.06
C HIS B 319 0.08 -9.75 14.75
N ALA B 320 0.81 -8.99 13.95
CA ALA B 320 0.23 -8.41 12.75
C ALA B 320 -0.23 -9.50 11.79
N SER B 321 0.52 -10.60 11.71
N SER B 321 0.53 -10.59 11.70
CA SER B 321 0.18 -11.65 10.77
CA SER B 321 0.17 -11.65 10.77
C SER B 321 -1.15 -12.30 11.14
C SER B 321 -1.16 -12.29 11.14
N ARG B 322 -1.41 -12.48 12.45
CA ARG B 322 -2.69 -13.01 12.88
C ARG B 322 -3.83 -12.11 12.43
N THR B 323 -3.68 -10.80 12.63
CA THR B 323 -4.73 -9.86 12.21
C THR B 323 -4.91 -9.89 10.69
N LEU B 324 -3.81 -9.78 9.93
CA LEU B 324 -3.92 -9.76 8.47
C LEU B 324 -4.55 -11.03 7.93
N LYS B 325 -4.18 -12.18 8.50
CA LYS B 325 -4.82 -13.43 8.06
C LYS B 325 -6.34 -13.35 8.24
N ALA B 326 -6.79 -12.78 9.35
CA ALA B 326 -8.23 -12.65 9.58
C ALA B 326 -8.85 -11.67 8.60
N VAL B 327 -8.17 -10.55 8.36
CA VAL B 327 -8.63 -9.57 7.39
C VAL B 327 -8.73 -10.22 6.01
N TYR B 328 -7.67 -10.92 5.61
CA TYR B 328 -7.68 -11.55 4.28
C TYR B 328 -8.77 -12.61 4.17
N GLU B 329 -9.05 -13.33 5.26
CA GLU B 329 -10.12 -14.31 5.21
C GLU B 329 -11.47 -13.62 5.04
N ALA B 330 -11.68 -12.53 5.77
CA ALA B 330 -12.95 -11.80 5.73
C ALA B 330 -13.17 -11.16 4.38
N ILE B 331 -12.11 -10.68 3.75
CA ILE B 331 -12.24 -9.99 2.47
C ILE B 331 -12.47 -10.97 1.33
N GLY B 332 -11.92 -12.17 1.42
CA GLY B 332 -12.21 -13.17 0.41
C GLY B 332 -11.00 -13.70 -0.34
N PHE B 333 -9.79 -13.30 0.07
CA PHE B 333 -8.59 -13.80 -0.57
C PHE B 333 -8.39 -15.30 -0.27
N VAL B 334 -7.83 -16.01 -1.25
CA VAL B 334 -7.31 -17.36 -1.00
C VAL B 334 -6.18 -17.24 -0.01
N ALA B 335 -6.23 -18.03 1.07
CA ALA B 335 -5.17 -17.94 2.07
C ALA B 335 -3.83 -18.35 1.46
N LYS B 336 -2.77 -17.64 1.81
CA LYS B 336 -1.44 -18.05 1.36
C LYS B 336 -1.15 -19.47 1.84
N PRO B 337 -0.86 -20.44 0.93
CA PRO B 337 -0.59 -21.84 1.31
C PRO B 337 0.73 -22.02 2.08
P AMP C . -8.35 -7.55 -22.46
O1P AMP C . -9.50 -8.50 -22.16
O2P AMP C . -8.76 -6.27 -23.16
O3P AMP C . -7.36 -7.38 -21.33
O5' AMP C . -7.50 -8.28 -23.59
C5' AMP C . -6.69 -7.53 -24.48
C4' AMP C . -5.73 -8.43 -25.23
O4' AMP C . -6.44 -9.60 -25.66
C3' AMP C . -5.07 -7.84 -26.45
O3' AMP C . -3.74 -8.37 -26.59
C2' AMP C . -5.93 -8.32 -27.62
O2' AMP C . -5.21 -8.66 -28.78
C1' AMP C . -6.68 -9.54 -27.06
N9 AMP C . -8.14 -9.50 -27.26
C8 AMP C . -9.07 -9.10 -26.36
N7 AMP C . -10.32 -9.19 -26.88
C5 AMP C . -10.21 -9.65 -28.14
C6 AMP C . -11.14 -9.99 -29.25
N6 AMP C . -12.49 -9.84 -29.14
N1 AMP C . -10.59 -10.44 -30.40
C2 AMP C . -9.26 -10.60 -30.55
N3 AMP C . -8.36 -10.32 -29.59
C4 AMP C . -8.76 -9.86 -28.38
N TRP D . -5.72 -3.37 -14.46
CA TRP D . -5.75 -4.70 -15.07
C TRP D . -7.16 -5.07 -15.50
O TRP D . -7.35 -6.01 -16.28
CB TRP D . -5.20 -5.75 -14.11
CG TRP D . -3.78 -5.55 -13.73
CD1 TRP D . -3.29 -5.29 -12.49
CD2 TRP D . -2.64 -5.60 -14.61
NE1 TRP D . -1.91 -5.17 -12.53
CE2 TRP D . -1.50 -5.36 -13.83
CE3 TRP D . -2.48 -5.82 -15.98
CZ2 TRP D . -0.22 -5.33 -14.36
CZ3 TRP D . -1.21 -5.80 -16.51
CH2 TRP D . -0.09 -5.55 -15.71
OXT TRP D . -8.13 -4.45 -15.08
C FMT E . 9.93 -14.45 -11.81
O1 FMT E . 9.91 -15.69 -11.91
O2 FMT E . 10.46 -13.66 -12.60
C FMT F . 1.67 16.97 -12.25
O1 FMT F . 0.45 17.15 -12.13
O2 FMT F . 2.17 15.94 -12.71
P AMP G . 3.12 16.32 19.15
O1P AMP G . 2.37 15.29 18.34
O2P AMP G . 2.36 17.60 19.42
O3P AMP G . 4.54 16.51 18.72
O5' AMP G . 3.26 15.65 20.59
C5' AMP G . 2.45 14.54 20.97
C4' AMP G . 2.37 14.41 22.47
O4' AMP G . 3.42 15.20 23.07
C3' AMP G . 1.05 14.90 23.08
O3' AMP G . 0.66 14.03 24.14
C2' AMP G . 1.41 16.28 23.63
O2' AMP G . 0.65 16.70 24.75
C1' AMP G . 2.88 16.12 23.99
N9 AMP G . 3.61 17.38 23.86
C8 AMP G . 4.25 17.82 22.76
N7 AMP G . 4.77 19.06 22.98
C5 AMP G . 4.46 19.43 24.23
C6 AMP G . 4.69 20.61 25.10
N6 AMP G . 5.40 21.67 24.64
N1 AMP G . 4.18 20.57 26.36
C2 AMP G . 3.48 19.52 26.83
N3 AMP G . 3.23 18.42 26.09
C4 AMP G . 3.68 18.31 24.82
N TRP H . 1.25 10.37 11.65
CA TRP H . 2.11 10.31 12.82
C TRP H . 3.01 11.52 12.97
O TRP H . 3.42 12.12 11.97
CB TRP H . 2.97 9.05 12.78
CG TRP H . 2.18 7.79 12.80
CD1 TRP H . 2.13 6.85 11.83
CD2 TRP H . 1.32 7.34 13.86
NE1 TRP H . 1.28 5.81 12.22
CE2 TRP H . 0.78 6.10 13.46
CE3 TRP H . 0.96 7.86 15.12
CZ2 TRP H . -0.11 5.37 14.26
CZ3 TRP H . 0.08 7.13 15.91
CH2 TRP H . -0.45 5.90 15.48
OXT TRP H . 3.33 11.90 14.10
C FMT I . 3.01 -6.68 19.76
O1 FMT I . 4.00 -7.11 20.38
O2 FMT I . 1.83 -6.87 20.10
C FMT J . 6.63 12.53 -7.39
O1 FMT J . 6.13 12.95 -6.36
O2 FMT J . 7.72 12.90 -7.85
#